data_7XWO
#
_entry.id   7XWO
#
_cell.length_a   1.00
_cell.length_b   1.00
_cell.length_c   1.00
_cell.angle_alpha   90.00
_cell.angle_beta   90.00
_cell.angle_gamma   90.00
#
_symmetry.space_group_name_H-M   'P 1'
#
loop_
_entity.id
_entity.type
_entity.pdbx_description
1 polymer 'Soluble cytochrome b562,Substance-K receptor'
2 polymer 'Guanine nucleotide-binding protein G(I)/G(S)/G(T) subunit beta-1'
3 polymer scFv
4 polymer G324
5 polymer 'Guanine nucleotide-binding protein G(I)/G(S)/G(O) subunit gamma-2'
6 polymer HIS-LYS-THR-ASP-SER-PHE-VAL-GLY-LEU-MET-NH2
#
loop_
_entity_poly.entity_id
_entity_poly.type
_entity_poly.pdbx_seq_one_letter_code
_entity_poly.pdbx_strand_id
1 'polypeptide(L)'
;MKTIIALSYIFCLVFADYKDDDDAKLQTMHHHHHHHHHHENLYFQGGTADLEDNWETLNDNLKVIEKADNAAQVKDALTK
MRAAALDAQKATPPKLEDKSPDSPEMKDFRHGFDILVGQIDDALKLANEGKVKEAQAAAEQLKTTRNAYIQKYLMGTCDI
VTEANISSGPESNTTGITAFSMPSWQLALWATAYLALVLVAVTGNAIVIWIILAHRRMRTVTNYFIVNLALADLCMAAFN
AAFNFVYASHNIWYFGRAFCYFQNLFPITAMFVSIYSMTAIAADRYMAIVHPFQPRLSAPSTKAVIAGIWLVALALASPQ
CFYSTVTMDQGATKCVVAWPEDSGGKTLLLYHLVVIALIYFLPLAVMFVAYSVIGLTLWRRAVPGHQAHGANLRHLQAMK
KFVKTMVLVVLTFAICWLPYHLYFILGSFQEDIYCHKFIQQVYLALFWLAMSSTMYNPIIYCCLNHRFRSGFRLAFRCCP
WVTPTKEDKLELTPTTSLSKLVEKY
;
B
2 'polypeptide(L)'
;GSLLQSELDQLRQEAEQLKNQIRDARKACADATLSQITNNIDPVGRIQMRTRRTLRGHLAKIYAMHWGTDSRLLVSASQD
GKLIIWDSYTTNKVHAIPLRSSWVMTCAYAPSGNYVACGGLDNICSIYNLKTREGNVRVSRELAGHTGYLSCCRFLDDNQ
IVTSSGDTTCALWDIETGQQTTTFTGHTGDVMSLSLAPDTRLFVSGACDASAKLWDVREGMCRQTFTGHESDINAICFFP
NGNAFATGSDDATCRLFDLRADQELMTYSHDNIICGITSVSFSKSGRLLLAGYDDFNCNVWDALKADRAGVLAGHDNRVS
CLGVTDDGMAVATGSWDSFLKIWN
;
C
3 'polypeptide(L)'
;MLLVNQSHQGFNKEHTSKMVSAIVLYVLLAAAAHSAFAVQLVESGGGLVQPGGSRKLSCSASGFAFSSFGMHWVRQAPEK
GLEWVAYISSGSGTIYYADTVKGRFTISRDDPKNTLFLQMTSLRSEDTAMYYCVRSIYYYGSSPFDFWGQGTTLTVSAGG
GGSGGGGSGGGGSADIVMTQATSSVPVTPGESVSISCRSSKSLLHSNGNTYLYWFLQRPGQSPQLLIYRMSNLASGVPDR
FSGSGSGTAFTLTISRLEAEDVGVYYCMQHLEYPLTFGAGTKLELVDENLYFQGASHHHHHHHH
;
E
4 'polypeptide(L)'
;MGCTLSAEDKAAVERSKMIEKQLQKDKQVYRRTLRLLLLGADNSGKSTIVKQMRIYHVNGYSEEECKQYKAVVYSNTIQS
IIAIIRAMGRLKIDFGDSARADDARQLFVLAGAAEEGFMTAELAGVIKRLWKDSGVQACFNRSREYQLNDSAAYYLNDLD
RIAQPNYIPTQQDVLRTRVKTSGIFETKFQVDKVNFHMFDVGAQRDERRKWIQCFNDVTAIIFVVDSSDYNRLQEALNDF
DSIWNNRWLRTISVILFLNKQDLLAEKVLAGKSKIEDYFPEFARYTTPEDATPEPGEDPRVTRAKYFIRKEFVDISTASG
DGRHICYPHFTCSVDTENARRIFNDCKDIILQMNLREYNLV
;
F
5 'polypeptide(L)' MASNNTASIAQARKLVEQLKMEANIDRIKVSKAAADLMAYCEAHAKEDPLLTPVPASENPFREKKFFCAIL G
6 'polypeptide(L)' HKTDSFVGLMA D
#
# COMPACT_ATOMS: atom_id res chain seq x y z
N SER A 181 40.82 -23.15 44.00
CA SER A 181 39.52 -23.43 43.42
C SER A 181 39.64 -24.11 42.05
N MET A 182 38.59 -24.85 41.69
CA MET A 182 38.41 -25.54 40.42
C MET A 182 39.54 -26.50 40.04
N PRO A 183 39.57 -27.71 40.62
CA PRO A 183 40.44 -28.76 40.08
C PRO A 183 40.11 -29.06 38.62
N SER A 184 41.17 -29.29 37.84
CA SER A 184 41.01 -29.47 36.39
C SER A 184 40.31 -30.77 36.02
N TRP A 185 40.29 -31.76 36.91
CA TRP A 185 39.50 -32.96 36.64
C TRP A 185 38.02 -32.69 36.82
N GLN A 186 37.68 -31.80 37.75
CA GLN A 186 36.29 -31.40 37.96
C GLN A 186 35.89 -30.20 37.12
N LEU A 187 36.87 -29.47 36.58
CA LEU A 187 36.57 -28.29 35.77
C LEU A 187 36.00 -28.65 34.40
N ALA A 188 36.34 -29.83 33.88
CA ALA A 188 36.00 -30.14 32.50
C ALA A 188 34.51 -30.40 32.34
N LEU A 189 33.91 -31.10 33.30
CA LEU A 189 32.48 -31.40 33.26
C LEU A 189 31.63 -30.15 33.39
N TRP A 190 32.14 -29.12 34.07
CA TRP A 190 31.48 -27.82 34.01
C TRP A 190 31.84 -27.08 32.73
N ALA A 191 33.01 -27.36 32.16
CA ALA A 191 33.40 -26.67 30.94
C ALA A 191 32.71 -27.25 29.71
N THR A 192 32.34 -28.53 29.74
CA THR A 192 31.61 -29.09 28.62
C THR A 192 30.13 -28.72 28.67
N ALA A 193 29.66 -28.20 29.81
CA ALA A 193 28.31 -27.66 29.87
C ALA A 193 28.25 -26.28 29.24
N TYR A 194 29.07 -25.35 29.73
CA TYR A 194 28.99 -23.96 29.30
C TYR A 194 29.51 -23.75 27.88
N LEU A 195 30.32 -24.68 27.37
CA LEU A 195 30.69 -24.61 25.95
C LEU A 195 29.58 -25.13 25.06
N ALA A 196 28.85 -26.15 25.51
CA ALA A 196 27.71 -26.64 24.74
C ALA A 196 26.47 -25.79 24.94
N LEU A 197 26.38 -25.11 26.10
CA LEU A 197 25.29 -24.16 26.29
C LEU A 197 25.45 -22.95 25.38
N VAL A 198 26.68 -22.45 25.24
CA VAL A 198 26.89 -21.32 24.35
C VAL A 198 26.90 -21.77 22.89
N LEU A 199 27.13 -23.06 22.62
CA LEU A 199 27.02 -23.56 21.26
C LEU A 199 25.57 -23.60 20.80
N VAL A 200 24.63 -23.76 21.74
CA VAL A 200 23.22 -23.69 21.38
C VAL A 200 22.75 -22.24 21.34
N ALA A 201 23.25 -21.41 22.25
CA ALA A 201 22.70 -20.09 22.44
C ALA A 201 23.33 -19.00 21.56
N VAL A 202 24.52 -19.24 20.99
CA VAL A 202 25.06 -18.23 20.08
C VAL A 202 24.78 -18.61 18.64
N THR A 203 24.38 -19.85 18.38
CA THR A 203 24.05 -20.31 17.03
C THR A 203 22.54 -20.44 16.84
N GLY A 204 21.89 -21.24 17.67
CA GLY A 204 20.46 -21.48 17.54
C GLY A 204 19.59 -20.28 17.84
N ASN A 205 20.12 -19.31 18.59
CA ASN A 205 19.39 -18.09 18.87
C ASN A 205 19.71 -16.97 17.90
N ALA A 206 20.93 -16.93 17.36
CA ALA A 206 21.24 -15.98 16.31
C ALA A 206 20.65 -16.37 14.97
N ILE A 207 20.42 -17.68 14.74
CA ILE A 207 19.83 -18.14 13.50
C ILE A 207 18.35 -17.77 13.42
N VAL A 208 17.75 -17.40 14.54
CA VAL A 208 16.39 -16.88 14.52
C VAL A 208 16.36 -15.51 13.86
N ILE A 209 17.33 -14.65 14.19
CA ILE A 209 17.15 -13.21 13.97
C ILE A 209 17.41 -12.82 12.53
N TRP A 210 18.11 -13.65 11.75
CA TRP A 210 18.26 -13.36 10.33
C TRP A 210 17.31 -14.18 9.47
N ILE A 211 16.61 -15.16 10.06
CA ILE A 211 15.42 -15.70 9.41
C ILE A 211 14.32 -14.67 9.40
N ILE A 212 14.13 -13.97 10.52
CA ILE A 212 13.10 -12.94 10.59
C ILE A 212 13.51 -11.72 9.79
N LEU A 213 14.82 -11.48 9.68
CA LEU A 213 15.30 -10.33 8.92
C LEU A 213 15.27 -10.59 7.42
N ALA A 214 15.90 -11.68 6.97
CA ALA A 214 16.13 -11.92 5.55
C ALA A 214 15.13 -12.89 4.94
N HIS A 215 15.05 -14.12 5.48
CA HIS A 215 14.24 -15.16 4.85
C HIS A 215 12.75 -14.87 4.97
N ARG A 216 12.31 -14.47 6.16
CA ARG A 216 10.99 -13.90 6.36
C ARG A 216 11.12 -12.39 6.50
N ARG A 217 9.98 -11.71 6.64
CA ARG A 217 9.99 -10.31 7.07
C ARG A 217 9.35 -10.15 8.43
N MET A 218 8.06 -10.50 8.55
CA MET A 218 7.31 -10.56 9.82
C MET A 218 7.38 -9.25 10.61
N ARG A 219 7.38 -8.13 9.91
CA ARG A 219 7.74 -6.84 10.48
C ARG A 219 6.61 -6.18 11.26
N THR A 220 5.56 -6.91 11.61
CA THR A 220 4.51 -6.36 12.46
C THR A 220 4.82 -6.72 13.92
N VAL A 221 3.86 -6.51 14.82
CA VAL A 221 4.10 -6.58 16.26
C VAL A 221 4.33 -8.01 16.76
N THR A 222 4.03 -9.02 15.95
CA THR A 222 4.10 -10.40 16.44
C THR A 222 5.53 -10.89 16.52
N ASN A 223 6.45 -10.28 15.76
CA ASN A 223 7.81 -10.78 15.68
C ASN A 223 8.85 -9.70 15.98
N TYR A 224 8.41 -8.52 16.42
CA TYR A 224 9.36 -7.55 16.93
C TYR A 224 9.74 -7.81 18.38
N PHE A 225 8.91 -8.54 19.11
CA PHE A 225 9.23 -8.98 20.45
C PHE A 225 10.03 -10.28 20.46
N ILE A 226 10.08 -10.99 19.34
CA ILE A 226 10.88 -12.21 19.26
C ILE A 226 12.33 -11.88 18.94
N VAL A 227 12.57 -10.88 18.09
CA VAL A 227 13.94 -10.50 17.78
C VAL A 227 14.58 -9.74 18.93
N ASN A 228 13.77 -9.09 19.78
CA ASN A 228 14.29 -8.48 20.99
C ASN A 228 14.64 -9.53 22.04
N LEU A 229 13.83 -10.59 22.14
CA LEU A 229 14.21 -11.74 22.94
C LEU A 229 15.39 -12.47 22.32
N ALA A 230 15.53 -12.39 21.00
CA ALA A 230 16.72 -12.95 20.36
C ALA A 230 17.95 -12.10 20.62
N LEU A 231 17.79 -10.76 20.64
CA LEU A 231 18.91 -9.90 20.97
C LEU A 231 19.28 -9.94 22.45
N ALA A 232 18.33 -10.28 23.32
CA ALA A 232 18.64 -10.41 24.73
C ALA A 232 19.42 -11.69 25.02
N ASP A 233 19.01 -12.80 24.42
CA ASP A 233 19.70 -14.05 24.66
C ASP A 233 21.00 -14.17 23.87
N LEU A 234 21.16 -13.40 22.80
CA LEU A 234 22.45 -13.39 22.11
C LEU A 234 23.47 -12.58 22.89
N CYS A 235 23.00 -11.62 23.70
CA CYS A 235 23.91 -10.88 24.55
C CYS A 235 24.30 -11.68 25.79
N MET A 236 23.41 -12.54 26.29
CA MET A 236 23.71 -13.31 27.48
C MET A 236 24.50 -14.58 27.19
N ALA A 237 24.54 -15.02 25.94
CA ALA A 237 25.44 -16.11 25.61
C ALA A 237 26.89 -15.64 25.59
N ALA A 238 27.13 -14.43 25.11
CA ALA A 238 28.48 -13.92 24.94
C ALA A 238 28.97 -13.12 26.14
N PHE A 239 28.09 -12.40 26.84
CA PHE A 239 28.55 -11.48 27.86
C PHE A 239 28.22 -11.91 29.29
N ASN A 240 27.45 -12.99 29.47
CA ASN A 240 27.12 -13.45 30.81
C ASN A 240 27.36 -14.93 31.02
N ALA A 241 27.68 -15.69 29.97
CA ALA A 241 27.89 -17.12 30.09
C ALA A 241 29.34 -17.51 29.90
N ALA A 242 30.03 -16.92 28.93
CA ALA A 242 31.45 -17.19 28.74
C ALA A 242 32.31 -16.26 29.58
N PHE A 243 31.90 -14.99 29.72
CA PHE A 243 32.64 -14.03 30.53
C PHE A 243 32.52 -14.34 32.01
N ASN A 244 31.30 -14.61 32.48
CA ASN A 244 31.07 -14.89 33.89
C ASN A 244 31.22 -16.36 34.23
N PHE A 245 31.89 -17.13 33.39
CA PHE A 245 32.41 -18.43 33.77
C PHE A 245 33.89 -18.38 34.13
N VAL A 246 34.63 -17.43 33.54
CA VAL A 246 36.03 -17.24 33.90
C VAL A 246 36.14 -16.73 35.33
N TYR A 247 35.33 -15.74 35.68
CA TYR A 247 35.27 -15.26 37.04
C TYR A 247 34.58 -16.27 37.95
N ALA A 248 33.72 -17.11 37.40
CA ALA A 248 33.14 -18.17 38.21
C ALA A 248 34.18 -19.26 38.51
N SER A 249 35.00 -19.61 37.53
CA SER A 249 36.02 -20.61 37.77
C SER A 249 37.23 -20.05 38.50
N HIS A 250 37.35 -18.71 38.57
CA HIS A 250 38.47 -17.97 39.18
C HIS A 250 39.84 -18.40 38.65
N TRP A 253 43.46 -14.47 35.58
CA TRP A 253 42.90 -13.20 36.04
C TRP A 253 42.58 -12.29 34.86
N TYR A 254 41.44 -11.59 34.96
CA TYR A 254 41.07 -10.66 33.89
C TYR A 254 40.55 -9.34 34.44
N PHE A 255 41.20 -8.74 35.43
CA PHE A 255 40.62 -7.66 36.22
C PHE A 255 40.49 -6.36 35.46
N GLY A 256 39.53 -6.28 34.56
CA GLY A 256 39.19 -5.01 33.96
C GLY A 256 38.48 -4.14 34.97
N ARG A 257 39.02 -2.96 35.25
CA ARG A 257 38.43 -2.07 36.23
C ARG A 257 37.14 -1.44 35.73
N ALA A 258 36.93 -1.39 34.41
CA ALA A 258 35.67 -0.97 33.86
C ALA A 258 34.91 -2.12 33.19
N PHE A 259 35.55 -3.27 33.05
CA PHE A 259 34.84 -4.47 32.61
C PHE A 259 33.90 -4.99 33.68
N CYS A 260 34.15 -4.67 34.95
CA CYS A 260 33.16 -4.92 35.98
C CYS A 260 32.06 -3.87 35.98
N TYR A 261 32.30 -2.73 35.34
CA TYR A 261 31.19 -1.80 35.14
C TYR A 261 30.31 -2.21 33.97
N PHE A 262 30.86 -2.98 33.03
CA PHE A 262 30.05 -3.49 31.93
C PHE A 262 29.30 -4.75 32.34
N GLN A 263 29.95 -5.61 33.13
CA GLN A 263 29.34 -6.83 33.64
C GLN A 263 28.63 -6.62 34.97
N ASN A 264 28.15 -5.41 35.22
CA ASN A 264 27.20 -5.18 36.30
C ASN A 264 26.00 -4.40 35.83
N LEU A 265 25.95 -3.97 34.57
CA LEU A 265 24.76 -3.37 33.99
C LEU A 265 24.21 -4.19 32.83
N PHE A 266 25.00 -4.43 31.79
CA PHE A 266 24.44 -4.81 30.50
C PHE A 266 23.99 -6.27 30.39
N PRO A 267 24.72 -7.27 30.91
CA PRO A 267 24.11 -8.60 30.96
C PRO A 267 23.00 -8.73 31.99
N ILE A 268 22.91 -7.82 32.94
CA ILE A 268 21.81 -7.82 33.91
C ILE A 268 20.59 -7.08 33.34
N THR A 269 20.80 -6.08 32.49
CA THR A 269 19.68 -5.54 31.72
C THR A 269 19.23 -6.51 30.64
N ALA A 270 20.13 -7.36 30.15
CA ALA A 270 19.78 -8.30 29.11
C ALA A 270 18.91 -9.44 29.63
N MET A 271 19.01 -9.74 30.93
CA MET A 271 18.13 -10.75 31.50
C MET A 271 16.83 -10.13 31.98
N PHE A 272 16.81 -8.82 32.15
CA PHE A 272 15.57 -8.17 32.53
C PHE A 272 14.72 -7.84 31.31
N VAL A 273 15.27 -7.99 30.11
CA VAL A 273 14.49 -7.87 28.88
C VAL A 273 14.36 -9.19 28.14
N SER A 274 15.09 -10.22 28.55
CA SER A 274 14.74 -11.57 28.12
C SER A 274 13.56 -12.11 28.91
N ILE A 275 13.20 -11.44 30.00
CA ILE A 275 12.01 -11.79 30.76
C ILE A 275 10.85 -10.86 30.42
N TYR A 276 11.10 -9.57 30.30
CA TYR A 276 10.05 -8.63 29.94
C TYR A 276 9.62 -8.70 28.48
N SER A 277 10.36 -9.39 27.61
CA SER A 277 9.86 -9.67 26.28
C SER A 277 9.11 -10.99 26.21
N MET A 278 9.34 -11.89 27.17
CA MET A 278 8.49 -13.07 27.30
C MET A 278 7.08 -12.69 27.70
N THR A 279 6.94 -11.74 28.61
CA THR A 279 5.61 -11.29 28.99
C THR A 279 4.97 -10.34 28.00
N ALA A 280 5.72 -9.84 27.03
CA ALA A 280 5.13 -9.08 25.94
C ALA A 280 4.66 -9.98 24.81
N ILE A 281 5.35 -11.10 24.61
CA ILE A 281 4.84 -12.14 23.73
C ILE A 281 3.57 -12.76 24.32
N ALA A 282 3.57 -12.96 25.63
CA ALA A 282 2.43 -13.60 26.30
C ALA A 282 1.21 -12.69 26.39
N ALA A 283 1.42 -11.37 26.36
CA ALA A 283 0.30 -10.45 26.36
C ALA A 283 -0.17 -10.10 24.96
N ASP A 284 0.64 -10.40 23.95
CA ASP A 284 0.22 -10.17 22.57
C ASP A 284 -0.53 -11.38 22.02
N ARG A 285 -0.26 -12.56 22.58
CA ARG A 285 -1.02 -13.76 22.25
C ARG A 285 -2.32 -13.84 23.03
N TYR A 286 -2.42 -13.13 24.15
CA TYR A 286 -3.70 -12.98 24.81
C TYR A 286 -4.63 -12.09 24.00
N MET A 287 -4.10 -10.98 23.48
CA MET A 287 -4.90 -10.07 22.68
C MET A 287 -5.15 -10.59 21.27
N ALA A 288 -4.52 -11.68 20.88
CA ALA A 288 -4.78 -12.25 19.56
C ALA A 288 -5.75 -13.41 19.61
N ILE A 289 -5.99 -13.98 20.79
CA ILE A 289 -6.83 -15.16 20.90
C ILE A 289 -8.13 -14.81 21.59
N VAL A 290 -8.06 -14.26 22.80
CA VAL A 290 -9.30 -14.04 23.54
C VAL A 290 -9.98 -12.73 23.15
N HIS A 291 -9.31 -11.87 22.41
CA HIS A 291 -9.89 -10.59 21.97
C HIS A 291 -9.44 -10.33 20.54
N PRO A 292 -9.95 -11.10 19.58
CA PRO A 292 -9.38 -11.05 18.23
C PRO A 292 -9.80 -9.83 17.42
N PHE A 293 -10.72 -9.02 17.94
CA PHE A 293 -11.25 -7.88 17.22
C PHE A 293 -10.64 -6.56 17.63
N GLN A 294 -9.84 -6.55 18.69
CA GLN A 294 -9.05 -5.37 19.04
C GLN A 294 -7.65 -5.54 18.48
N PRO A 295 -7.27 -4.78 17.45
CA PRO A 295 -5.93 -4.95 16.87
C PRO A 295 -4.85 -4.24 17.68
N ARG A 296 -3.69 -4.90 17.74
CA ARG A 296 -2.52 -4.35 18.40
C ARG A 296 -1.33 -4.24 17.46
N LEU A 297 -1.54 -4.43 16.15
CA LEU A 297 -0.47 -4.34 15.16
C LEU A 297 -0.21 -2.86 14.86
N SER A 298 0.49 -2.22 15.79
CA SER A 298 0.85 -0.81 15.68
C SER A 298 2.37 -0.71 15.68
N ALA A 299 2.95 -0.67 14.49
CA ALA A 299 4.39 -0.49 14.29
C ALA A 299 4.94 0.82 14.87
N PRO A 300 4.19 1.93 14.95
CA PRO A 300 4.65 3.01 15.83
C PRO A 300 4.73 2.62 17.30
N SER A 301 3.66 2.09 17.87
CA SER A 301 3.63 1.88 19.32
C SER A 301 4.29 0.59 19.77
N THR A 302 4.81 -0.22 18.85
CA THR A 302 5.57 -1.39 19.28
C THR A 302 6.98 -1.03 19.70
N LYS A 303 7.47 0.15 19.34
CA LYS A 303 8.79 0.60 19.74
C LYS A 303 8.74 1.54 20.94
N ALA A 304 7.56 1.98 21.34
CA ALA A 304 7.43 2.65 22.63
C ALA A 304 7.43 1.65 23.77
N VAL A 305 7.21 0.37 23.47
CA VAL A 305 7.25 -0.67 24.49
C VAL A 305 8.46 -1.59 24.35
N ILE A 306 9.09 -1.65 23.18
CA ILE A 306 10.38 -2.33 23.09
C ILE A 306 11.45 -1.49 23.77
N ALA A 307 11.51 -0.20 23.45
CA ALA A 307 12.42 0.70 24.13
C ALA A 307 11.92 1.09 25.52
N GLY A 308 10.65 0.82 25.82
CA GLY A 308 10.14 1.12 27.15
C GLY A 308 10.54 0.10 28.19
N ILE A 309 10.85 -1.13 27.77
CA ILE A 309 11.33 -2.14 28.70
C ILE A 309 12.85 -2.23 28.74
N TRP A 310 13.54 -1.71 27.71
CA TRP A 310 14.99 -1.58 27.79
C TRP A 310 15.39 -0.48 28.76
N LEU A 311 14.54 0.52 28.92
CA LEU A 311 14.85 1.65 29.78
C LEU A 311 14.61 1.31 31.25
N VAL A 312 13.56 0.53 31.52
CA VAL A 312 13.30 0.09 32.88
C VAL A 312 14.31 -0.97 33.29
N ALA A 313 14.92 -1.65 32.31
CA ALA A 313 16.04 -2.54 32.60
C ALA A 313 17.24 -1.78 33.14
N LEU A 314 17.62 -0.67 32.48
CA LEU A 314 18.67 0.18 33.01
C LEU A 314 18.23 1.00 34.20
N ALA A 315 16.94 1.05 34.50
CA ALA A 315 16.49 1.75 35.70
C ALA A 315 16.63 0.89 36.94
N LEU A 316 16.63 -0.44 36.77
CA LEU A 316 16.67 -1.34 37.92
C LEU A 316 17.98 -2.10 38.04
N ALA A 317 18.73 -2.25 36.95
CA ALA A 317 20.02 -2.92 37.04
C ALA A 317 21.16 -1.98 37.39
N SER A 318 20.92 -0.67 37.37
CA SER A 318 21.96 0.32 37.63
C SER A 318 22.38 0.48 39.10
N PRO A 319 21.49 0.34 40.15
CA PRO A 319 22.00 0.40 41.53
C PRO A 319 23.03 -0.65 41.96
N GLN A 320 23.38 -1.60 41.09
CA GLN A 320 24.56 -2.41 41.31
C GLN A 320 25.69 -2.08 40.34
N CYS A 321 25.38 -1.45 39.19
CA CYS A 321 26.43 -1.03 38.27
C CYS A 321 27.24 0.14 38.81
N PHE A 322 26.59 1.09 39.48
CA PHE A 322 27.28 2.23 40.09
C PHE A 322 27.88 1.91 41.44
N TYR A 323 27.84 0.64 41.87
CA TYR A 323 28.44 0.25 43.13
C TYR A 323 29.50 -0.83 42.93
N SER A 324 29.97 -1.03 41.70
CA SER A 324 30.99 -2.02 41.44
C SER A 324 32.37 -1.45 41.74
N THR A 325 33.06 -2.07 42.70
CA THR A 325 34.43 -1.70 43.03
C THR A 325 35.28 -2.95 42.96
N VAL A 326 36.27 -2.96 42.08
CA VAL A 326 37.11 -4.12 41.87
C VAL A 326 38.06 -4.25 43.04
N THR A 327 37.98 -5.38 43.75
CA THR A 327 38.82 -5.67 44.90
C THR A 327 39.19 -7.15 44.86
N MET A 328 40.46 -7.49 45.09
CA MET A 328 40.88 -8.87 44.95
C MET A 328 41.94 -9.24 45.98
N ASP A 329 42.03 -10.55 46.24
CA ASP A 329 43.11 -11.13 47.03
C ASP A 329 43.98 -12.04 46.17
N GLN A 330 43.38 -13.05 45.53
CA GLN A 330 44.05 -13.82 44.50
C GLN A 330 43.08 -14.19 43.38
N GLY A 331 41.97 -13.48 43.28
CA GLY A 331 40.89 -13.82 42.36
C GLY A 331 41.03 -13.12 41.03
N ALA A 332 39.91 -12.65 40.49
CA ALA A 332 39.92 -11.96 39.22
C ALA A 332 39.09 -10.69 39.16
N THR A 333 38.18 -10.47 40.11
CA THR A 333 37.25 -9.34 40.07
C THR A 333 36.60 -9.13 41.43
N LYS A 334 35.49 -8.39 41.46
CA LYS A 334 34.70 -8.22 42.67
C LYS A 334 33.47 -7.38 42.42
N CYS A 335 32.69 -7.20 43.48
CA CYS A 335 31.61 -6.23 43.55
C CYS A 335 31.33 -5.98 45.02
N VAL A 336 30.53 -4.96 45.30
CA VAL A 336 30.27 -4.52 46.67
C VAL A 336 28.97 -3.74 46.66
N VAL A 337 28.38 -3.53 47.85
CA VAL A 337 27.08 -2.89 48.00
C VAL A 337 27.14 -2.03 49.26
N ALA A 338 26.07 -1.26 49.49
CA ALA A 338 26.01 -0.33 50.63
C ALA A 338 25.59 -1.08 51.90
N TRP A 339 25.31 -0.32 52.95
CA TRP A 339 25.11 -0.85 54.29
C TRP A 339 24.23 0.12 55.06
N PRO A 340 23.59 -0.34 56.17
CA PRO A 340 22.83 0.58 57.02
C PRO A 340 23.63 1.73 57.62
N GLY A 345 23.09 -5.10 55.48
CA GLY A 345 21.98 -5.96 55.08
C GLY A 345 20.66 -5.24 54.96
N LYS A 346 20.70 -4.04 54.39
CA LYS A 346 19.49 -3.26 54.15
C LYS A 346 19.23 -3.00 52.69
N THR A 347 20.23 -2.55 51.95
CA THR A 347 20.06 -2.36 50.51
C THR A 347 20.08 -3.70 49.78
N LEU A 348 20.96 -4.62 50.17
CA LEU A 348 21.07 -5.90 49.47
C LEU A 348 19.87 -6.80 49.71
N LEU A 349 19.10 -6.54 50.76
CA LEU A 349 17.85 -7.27 50.95
C LEU A 349 16.70 -6.59 50.21
N LEU A 350 16.56 -5.28 50.36
CA LEU A 350 15.37 -4.60 49.85
C LEU A 350 15.44 -4.39 48.34
N TYR A 351 16.63 -4.32 47.75
CA TYR A 351 16.72 -4.28 46.29
C TYR A 351 16.46 -5.64 45.68
N HIS A 352 16.96 -6.70 46.31
CA HIS A 352 16.73 -8.05 45.82
C HIS A 352 15.38 -8.60 46.23
N LEU A 353 14.63 -7.90 47.08
CA LEU A 353 13.22 -8.20 47.23
C LEU A 353 12.35 -7.30 46.37
N VAL A 354 12.94 -6.35 45.66
CA VAL A 354 12.21 -5.62 44.65
C VAL A 354 12.44 -6.23 43.28
N VAL A 355 13.65 -6.71 43.01
CA VAL A 355 13.95 -7.38 41.75
C VAL A 355 13.20 -8.70 41.64
N ILE A 356 13.13 -9.46 42.74
CA ILE A 356 12.40 -10.73 42.71
C ILE A 356 10.88 -10.52 42.71
N ALA A 357 10.40 -9.32 43.03
CA ALA A 357 8.98 -9.04 43.05
C ALA A 357 8.49 -8.31 41.81
N LEU A 358 9.38 -7.93 40.91
CA LEU A 358 9.00 -7.31 39.65
C LEU A 358 9.58 -7.98 38.42
N ILE A 359 10.60 -8.83 38.59
CA ILE A 359 11.18 -9.55 37.46
C ILE A 359 10.94 -11.05 37.55
N TYR A 360 10.65 -11.58 38.74
CA TYR A 360 10.16 -12.94 38.86
C TYR A 360 8.64 -13.01 39.04
N PHE A 361 8.10 -12.36 40.07
CA PHE A 361 6.69 -12.56 40.41
C PHE A 361 5.74 -11.89 39.44
N LEU A 362 5.98 -10.63 39.09
CA LEU A 362 5.07 -9.95 38.17
C LEU A 362 5.10 -10.48 36.73
N PRO A 363 6.24 -10.94 36.17
CA PRO A 363 6.12 -11.69 34.91
C PRO A 363 5.43 -13.03 35.06
N LEU A 364 5.60 -13.74 36.17
CA LEU A 364 4.95 -15.02 36.34
C LEU A 364 3.46 -14.89 36.65
N ALA A 365 3.05 -13.79 37.28
CA ALA A 365 1.64 -13.62 37.58
C ALA A 365 0.82 -13.24 36.36
N VAL A 366 1.46 -12.76 35.30
CA VAL A 366 0.73 -12.43 34.08
C VAL A 366 0.92 -13.51 33.03
N MET A 367 2.06 -14.21 33.01
CA MET A 367 2.22 -15.37 32.14
C MET A 367 1.42 -16.58 32.60
N PHE A 368 0.88 -16.55 33.81
CA PHE A 368 0.00 -17.61 34.27
C PHE A 368 -1.46 -17.27 34.01
N VAL A 369 -1.81 -15.99 33.99
CA VAL A 369 -3.17 -15.59 33.64
C VAL A 369 -3.35 -15.56 32.13
N ALA A 370 -2.31 -15.18 31.38
CA ALA A 370 -2.41 -15.11 29.92
C ALA A 370 -2.54 -16.50 29.31
N TYR A 371 -1.68 -17.42 29.70
CA TYR A 371 -1.73 -18.75 29.10
C TYR A 371 -2.78 -19.65 29.73
N SER A 372 -3.55 -19.17 30.71
CA SER A 372 -4.69 -19.92 31.20
C SER A 372 -5.99 -19.51 30.52
N VAL A 373 -6.18 -18.20 30.29
CA VAL A 373 -7.34 -17.74 29.54
C VAL A 373 -7.19 -18.08 28.06
N ILE A 374 -5.95 -18.22 27.58
CA ILE A 374 -5.73 -18.78 26.25
C ILE A 374 -6.17 -20.24 26.21
N GLY A 375 -5.77 -21.02 27.21
CA GLY A 375 -6.16 -22.42 27.23
C GLY A 375 -7.63 -22.65 27.53
N LEU A 376 -8.26 -21.72 28.25
CA LEU A 376 -9.69 -21.81 28.47
C LEU A 376 -10.47 -21.51 27.19
N THR A 377 -9.92 -20.66 26.32
CA THR A 377 -10.59 -20.35 25.07
C THR A 377 -10.39 -21.45 24.04
N LEU A 378 -9.17 -21.97 23.92
CA LEU A 378 -8.91 -23.03 22.96
C LEU A 378 -9.52 -24.38 23.38
N TRP A 379 -9.94 -24.52 24.63
CA TRP A 379 -10.66 -25.73 25.03
C TRP A 379 -12.16 -25.57 24.90
N ARG A 380 -12.69 -24.37 25.10
CA ARG A 380 -14.12 -24.11 24.94
C ARG A 380 -14.46 -23.71 23.51
N ARG A 381 -13.99 -24.48 22.55
CA ARG A 381 -14.32 -24.26 21.14
C ARG A 381 -14.13 -25.54 20.34
N ASN A 392 -11.75 -33.01 13.71
CA ASN A 392 -11.59 -32.79 15.15
C ASN A 392 -10.15 -33.20 15.50
N LEU A 393 -9.60 -34.13 14.73
CA LEU A 393 -8.26 -34.66 14.97
C LEU A 393 -7.15 -33.81 14.35
N ARG A 394 -7.41 -32.54 14.06
CA ARG A 394 -6.40 -31.63 13.56
C ARG A 394 -6.26 -30.36 14.37
N HIS A 395 -7.28 -29.97 15.14
CA HIS A 395 -7.22 -28.77 15.96
C HIS A 395 -6.99 -29.07 17.44
N LEU A 396 -7.47 -30.20 17.94
CA LEU A 396 -7.14 -30.60 19.30
C LEU A 396 -5.70 -31.07 19.39
N GLN A 397 -5.18 -31.68 18.31
CA GLN A 397 -3.76 -31.96 18.24
C GLN A 397 -2.95 -30.69 17.99
N ALA A 398 -3.59 -29.63 17.51
CA ALA A 398 -2.92 -28.33 17.41
C ALA A 398 -2.92 -27.60 18.74
N MET A 399 -4.00 -27.70 19.51
CA MET A 399 -4.03 -27.03 20.81
C MET A 399 -3.19 -27.77 21.85
N LYS A 400 -3.03 -29.09 21.70
CA LYS A 400 -2.15 -29.81 22.62
C LYS A 400 -0.70 -29.47 22.33
N LYS A 401 -0.36 -29.24 21.08
CA LYS A 401 0.99 -28.86 20.70
C LYS A 401 1.23 -27.37 20.86
N PHE A 402 0.17 -26.59 21.10
CA PHE A 402 0.34 -25.17 21.36
C PHE A 402 0.23 -24.84 22.84
N VAL A 403 -0.90 -25.19 23.46
CA VAL A 403 -1.14 -24.71 24.82
C VAL A 403 -0.32 -25.49 25.83
N LYS A 404 -0.31 -26.82 25.73
CA LYS A 404 0.46 -27.63 26.68
C LYS A 404 1.97 -27.54 26.43
N THR A 405 2.40 -27.12 25.25
CA THR A 405 3.78 -26.71 25.07
C THR A 405 4.06 -25.38 25.75
N MET A 406 3.09 -24.47 25.74
CA MET A 406 3.32 -23.18 26.36
C MET A 406 3.00 -23.16 27.86
N VAL A 407 2.45 -24.22 28.43
CA VAL A 407 2.40 -24.26 29.89
C VAL A 407 3.73 -24.78 30.46
N LEU A 408 4.49 -25.54 29.67
CA LEU A 408 5.79 -25.99 30.16
C LEU A 408 6.84 -24.89 30.03
N VAL A 409 6.65 -23.93 29.12
CA VAL A 409 7.55 -22.78 29.07
C VAL A 409 7.26 -21.78 30.17
N VAL A 410 6.13 -21.90 30.87
CA VAL A 410 5.91 -21.16 32.09
C VAL A 410 6.56 -21.88 33.27
N LEU A 411 6.41 -23.21 33.33
CA LEU A 411 6.99 -23.96 34.44
C LEU A 411 8.50 -24.09 34.32
N THR A 412 9.07 -23.95 33.12
CA THR A 412 10.51 -23.89 33.04
C THR A 412 11.05 -22.48 33.32
N PHE A 413 10.16 -21.50 33.48
CA PHE A 413 10.53 -20.18 33.95
C PHE A 413 10.45 -20.09 35.46
N ALA A 414 9.49 -20.76 36.07
CA ALA A 414 9.26 -20.64 37.50
C ALA A 414 10.27 -21.44 38.32
N ILE A 415 10.91 -22.46 37.76
CA ILE A 415 11.85 -23.28 38.50
C ILE A 415 13.28 -23.11 38.06
N CYS A 416 13.54 -22.38 36.98
CA CYS A 416 14.91 -22.08 36.59
C CYS A 416 15.37 -20.69 37.01
N TRP A 417 14.50 -19.85 37.54
CA TRP A 417 14.88 -18.53 38.00
C TRP A 417 14.82 -18.34 39.50
N LEU A 418 14.02 -19.13 40.21
CA LEU A 418 13.95 -19.04 41.66
C LEU A 418 15.19 -19.55 42.41
N PRO A 419 15.86 -20.64 42.03
CA PRO A 419 17.10 -20.97 42.75
C PRO A 419 18.24 -20.03 42.42
N TYR A 420 18.24 -19.43 41.23
CA TYR A 420 19.25 -18.44 40.89
C TYR A 420 19.07 -17.16 41.70
N HIS A 421 17.83 -16.72 41.85
CA HIS A 421 17.55 -15.47 42.55
C HIS A 421 17.68 -15.59 44.05
N LEU A 422 17.53 -16.78 44.61
CA LEU A 422 17.70 -16.95 46.04
C LEU A 422 19.15 -17.05 46.44
N TYR A 423 20.06 -17.20 45.48
CA TYR A 423 21.49 -17.19 45.77
C TYR A 423 21.96 -15.83 46.27
N PHE A 424 21.29 -14.77 45.85
CA PHE A 424 21.70 -13.42 46.19
C PHE A 424 21.02 -12.88 47.44
N ILE A 425 20.16 -13.66 48.09
CA ILE A 425 19.74 -13.36 49.46
C ILE A 425 19.98 -14.59 50.32
N LEU A 426 20.83 -15.50 49.84
CA LEU A 426 21.18 -16.69 50.60
C LEU A 426 22.06 -16.35 51.79
N GLY A 427 23.04 -15.47 51.59
CA GLY A 427 23.96 -15.08 52.63
C GLY A 427 23.47 -14.00 53.55
N SER A 428 22.23 -13.55 53.41
CA SER A 428 21.61 -12.62 54.32
C SER A 428 20.50 -13.26 55.15
N PHE A 429 20.52 -14.60 55.26
CA PHE A 429 19.50 -15.34 55.98
C PHE A 429 20.19 -16.29 56.95
N GLN A 430 20.53 -15.78 58.14
CA GLN A 430 20.95 -16.52 59.34
C GLN A 430 22.20 -17.36 59.14
N GLU A 431 22.95 -17.18 58.06
CA GLU A 431 24.16 -17.95 57.82
C GLU A 431 25.40 -17.07 57.75
N ASP A 432 25.38 -16.03 56.90
CA ASP A 432 26.46 -15.06 56.70
C ASP A 432 27.77 -15.69 56.28
N ILE A 433 27.72 -16.82 55.57
CA ILE A 433 28.91 -17.45 55.02
C ILE A 433 28.70 -17.65 53.53
N TYR A 434 29.61 -17.11 52.73
CA TYR A 434 29.74 -17.40 51.30
C TYR A 434 31.01 -18.20 51.00
N CYS A 435 31.65 -18.74 52.03
CA CYS A 435 33.04 -19.17 51.95
C CYS A 435 33.21 -20.65 52.24
N HIS A 436 32.38 -21.49 51.64
CA HIS A 436 32.23 -22.86 52.12
C HIS A 436 32.76 -23.93 51.19
N LYS A 437 33.34 -23.55 50.04
CA LYS A 437 33.98 -24.44 49.06
C LYS A 437 33.07 -25.47 48.41
N PHE A 438 31.76 -25.47 48.73
CA PHE A 438 30.78 -26.10 47.88
C PHE A 438 29.97 -25.07 47.10
N ILE A 439 30.09 -23.79 47.47
CA ILE A 439 29.26 -22.76 46.86
C ILE A 439 29.75 -22.42 45.47
N GLN A 440 30.94 -22.89 45.10
CA GLN A 440 31.34 -22.87 43.70
C GLN A 440 30.49 -23.84 42.88
N GLN A 441 30.26 -25.04 43.42
CA GLN A 441 29.43 -26.03 42.73
C GLN A 441 27.95 -25.71 42.82
N VAL A 442 27.52 -24.97 43.85
CA VAL A 442 26.13 -24.54 43.93
C VAL A 442 25.88 -23.44 42.91
N TYR A 443 26.85 -22.55 42.71
CA TYR A 443 26.66 -21.39 41.85
C TYR A 443 26.54 -21.77 40.39
N LEU A 444 27.45 -22.63 39.90
CA LEU A 444 27.35 -23.10 38.53
C LEU A 444 26.13 -23.99 38.29
N ALA A 445 25.60 -24.63 39.33
CA ALA A 445 24.40 -25.44 39.16
C ALA A 445 23.16 -24.57 39.02
N LEU A 446 23.12 -23.46 39.73
CA LEU A 446 22.01 -22.53 39.63
C LEU A 446 22.31 -21.35 38.72
N PHE A 447 23.36 -21.45 37.89
CA PHE A 447 23.58 -20.50 36.82
C PHE A 447 23.36 -21.11 35.45
N TRP A 448 23.79 -22.35 35.24
CA TRP A 448 23.47 -23.04 33.99
C TRP A 448 21.98 -23.33 33.90
N LEU A 449 21.32 -23.47 35.05
CA LEU A 449 19.88 -23.66 35.04
C LEU A 449 19.15 -22.39 34.63
N ALA A 450 19.65 -21.23 35.06
CA ALA A 450 19.05 -19.96 34.68
C ALA A 450 19.39 -19.56 33.25
N MET A 451 20.58 -19.91 32.77
CA MET A 451 20.96 -19.64 31.41
C MET A 451 20.51 -20.74 30.45
N SER A 452 19.72 -21.69 30.92
CA SER A 452 19.07 -22.64 30.02
C SER A 452 17.91 -22.00 29.29
N SER A 453 17.36 -20.90 29.82
CA SER A 453 16.29 -20.18 29.13
C SER A 453 16.79 -19.46 27.89
N THR A 454 18.11 -19.26 27.76
CA THR A 454 18.66 -18.73 26.53
C THR A 454 18.76 -19.82 25.46
N MET A 455 18.60 -21.07 25.84
CA MET A 455 18.61 -22.18 24.90
C MET A 455 17.21 -22.68 24.56
N TYR A 456 16.24 -22.47 25.44
CA TYR A 456 14.90 -23.02 25.21
C TYR A 456 14.17 -22.25 24.13
N ASN A 457 14.23 -20.93 24.18
CA ASN A 457 13.58 -20.04 23.23
C ASN A 457 14.03 -20.18 21.78
N PRO A 458 15.26 -20.63 21.47
CA PRO A 458 15.48 -21.14 20.10
C PRO A 458 14.62 -22.33 19.75
N ILE A 459 14.75 -23.44 20.49
CA ILE A 459 14.16 -24.70 20.06
C ILE A 459 12.63 -24.70 20.16
N ILE A 460 12.05 -23.77 20.92
CA ILE A 460 10.60 -23.59 20.84
C ILE A 460 10.22 -22.95 19.51
N TYR A 461 10.99 -21.95 19.05
CA TYR A 461 10.73 -21.37 17.73
C TYR A 461 11.49 -22.07 16.61
N CYS A 462 12.12 -23.21 16.88
CA CYS A 462 12.57 -24.10 15.82
C CYS A 462 11.62 -25.26 15.58
N CYS A 463 10.67 -25.50 16.49
CA CYS A 463 9.73 -26.60 16.33
C CYS A 463 8.44 -26.16 15.64
N LEU A 464 8.03 -24.91 15.81
CA LEU A 464 6.80 -24.40 15.21
C LEU A 464 7.03 -23.18 14.33
N ASN A 465 7.98 -22.32 14.66
CA ASN A 465 8.23 -21.10 13.88
C ASN A 465 9.19 -21.31 12.73
N HIS A 466 10.14 -22.25 12.84
CA HIS A 466 11.13 -22.46 11.80
C HIS A 466 10.85 -23.66 10.90
N ARG A 467 10.33 -24.76 11.45
CA ARG A 467 10.12 -25.95 10.62
C ARG A 467 8.77 -25.91 9.91
N PHE A 468 7.72 -25.52 10.62
CA PHE A 468 6.38 -25.46 10.03
C PHE A 468 6.24 -24.24 9.13
N ASP B 9 -31.16 -20.14 -43.62
CA ASP B 9 -30.68 -20.97 -42.52
C ASP B 9 -29.41 -21.76 -42.90
N GLN B 10 -28.61 -21.19 -43.80
CA GLN B 10 -27.39 -21.81 -44.29
C GLN B 10 -26.14 -21.09 -43.76
N LEU B 11 -26.29 -20.35 -42.67
CA LEU B 11 -25.28 -19.41 -42.22
C LEU B 11 -24.25 -20.03 -41.30
N ARG B 12 -24.57 -21.16 -40.66
CA ARG B 12 -23.68 -21.72 -39.66
C ARG B 12 -22.45 -22.38 -40.28
N GLN B 13 -22.56 -22.89 -41.50
CA GLN B 13 -21.42 -23.51 -42.15
C GLN B 13 -20.81 -22.63 -43.23
N GLU B 14 -21.55 -21.62 -43.71
CA GLU B 14 -20.94 -20.62 -44.57
C GLU B 14 -20.01 -19.70 -43.78
N ALA B 15 -20.25 -19.59 -42.47
CA ALA B 15 -19.31 -18.89 -41.61
C ALA B 15 -18.03 -19.66 -41.42
N GLU B 16 -18.12 -20.99 -41.28
CA GLU B 16 -16.92 -21.81 -41.17
C GLU B 16 -16.21 -21.96 -42.51
N GLN B 17 -16.95 -21.84 -43.61
CA GLN B 17 -16.33 -21.74 -44.93
C GLN B 17 -15.54 -20.44 -45.07
N LEU B 18 -16.05 -19.34 -44.50
CA LEU B 18 -15.32 -18.07 -44.51
C LEU B 18 -14.08 -18.14 -43.64
N LYS B 19 -14.18 -18.82 -42.49
CA LYS B 19 -13.04 -18.91 -41.58
C LYS B 19 -11.97 -19.87 -42.07
N ASN B 20 -12.22 -20.61 -43.14
CA ASN B 20 -11.15 -21.34 -43.80
C ASN B 20 -10.57 -20.55 -44.97
N GLN B 21 -11.31 -19.58 -45.51
CA GLN B 21 -10.72 -18.64 -46.46
C GLN B 21 -9.73 -17.71 -45.78
N ILE B 22 -9.96 -17.40 -44.51
CA ILE B 22 -9.05 -16.54 -43.75
C ILE B 22 -7.77 -17.30 -43.41
N ARG B 23 -7.88 -18.56 -43.00
CA ARG B 23 -6.70 -19.34 -42.66
C ARG B 23 -5.89 -19.71 -43.89
N ASP B 24 -6.53 -19.85 -45.06
CA ASP B 24 -5.76 -20.05 -46.27
C ASP B 24 -5.07 -18.77 -46.73
N ALA B 25 -5.64 -17.62 -46.40
CA ALA B 25 -4.98 -16.36 -46.71
C ALA B 25 -3.87 -16.05 -45.73
N ARG B 26 -3.99 -16.49 -44.48
CA ARG B 26 -2.93 -16.27 -43.50
C ARG B 26 -1.76 -17.22 -43.71
N LYS B 27 -2.02 -18.42 -44.21
CA LYS B 27 -0.93 -19.38 -44.41
C LYS B 27 -0.25 -19.17 -45.75
N ALA B 28 -0.88 -18.45 -46.68
CA ALA B 28 -0.23 -18.14 -47.95
C ALA B 28 0.85 -17.08 -47.79
N CYS B 29 0.78 -16.29 -46.72
CA CYS B 29 1.74 -15.22 -46.50
C CYS B 29 2.80 -15.56 -45.46
N ALA B 30 2.69 -16.71 -44.79
CA ALA B 30 3.68 -17.12 -43.79
C ALA B 30 4.81 -17.84 -44.52
N ASP B 31 5.62 -17.06 -45.24
CA ASP B 31 6.73 -17.64 -45.97
C ASP B 31 7.92 -17.90 -45.06
N ALA B 32 8.07 -17.10 -44.01
CA ALA B 32 9.17 -17.24 -43.07
C ALA B 32 8.63 -17.09 -41.67
N THR B 33 9.54 -16.91 -40.72
CA THR B 33 9.21 -16.75 -39.31
C THR B 33 10.07 -15.60 -38.79
N LEU B 34 9.60 -14.94 -37.73
CA LEU B 34 10.39 -13.91 -37.06
C LEU B 34 11.65 -14.51 -36.44
N SER B 35 11.63 -15.80 -36.10
CA SER B 35 12.82 -16.46 -35.60
C SER B 35 13.84 -16.71 -36.71
N GLN B 36 13.40 -16.80 -37.96
CA GLN B 36 14.33 -17.06 -39.06
C GLN B 36 14.99 -15.78 -39.56
N ILE B 37 14.24 -14.68 -39.60
CA ILE B 37 14.78 -13.42 -40.09
C ILE B 37 15.77 -12.83 -39.09
N THR B 38 15.50 -13.00 -37.79
CA THR B 38 16.36 -12.47 -36.75
C THR B 38 17.30 -13.53 -36.19
N ASN B 39 17.80 -14.42 -37.03
CA ASN B 39 18.77 -15.40 -36.55
C ASN B 39 20.16 -14.80 -36.48
N ASN B 40 20.50 -13.89 -37.39
CA ASN B 40 21.81 -13.25 -37.39
C ASN B 40 21.80 -11.90 -36.69
N ILE B 41 20.91 -11.71 -35.73
CA ILE B 41 20.88 -10.50 -34.92
C ILE B 41 21.57 -10.80 -33.59
N ASP B 42 22.47 -9.91 -33.18
CA ASP B 42 23.16 -10.08 -31.91
C ASP B 42 22.17 -9.90 -30.75
N PRO B 43 22.26 -10.72 -29.71
CA PRO B 43 21.31 -10.63 -28.61
C PRO B 43 21.54 -9.39 -27.76
N VAL B 44 20.53 -9.10 -26.94
CA VAL B 44 20.57 -7.86 -26.17
C VAL B 44 21.54 -7.98 -24.99
N GLY B 45 21.63 -9.15 -24.38
CA GLY B 45 22.48 -9.33 -23.24
C GLY B 45 21.69 -9.40 -21.95
N ARG B 46 22.42 -9.69 -20.88
CA ARG B 46 21.78 -9.83 -19.58
C ARG B 46 21.44 -8.45 -19.05
N ILE B 47 20.16 -8.23 -18.78
CA ILE B 47 19.67 -6.92 -18.39
C ILE B 47 19.44 -6.94 -16.90
N GLN B 48 20.41 -6.42 -16.16
CA GLN B 48 20.26 -6.22 -14.73
C GLN B 48 19.58 -4.88 -14.52
N MET B 49 18.46 -4.90 -13.83
CA MET B 49 17.74 -3.69 -13.47
C MET B 49 17.69 -3.58 -11.96
N ARG B 50 17.79 -2.35 -11.46
CA ARG B 50 17.85 -2.09 -10.04
C ARG B 50 16.65 -1.26 -9.61
N THR B 51 16.10 -1.59 -8.46
CA THR B 51 15.01 -0.82 -7.88
C THR B 51 15.54 0.51 -7.39
N ARG B 52 15.03 1.59 -7.95
CA ARG B 52 15.51 2.93 -7.62
C ARG B 52 14.62 3.64 -6.62
N ARG B 53 13.32 3.60 -6.81
CA ARG B 53 12.37 4.10 -5.82
C ARG B 53 11.41 2.99 -5.44
N THR B 54 10.88 3.08 -4.23
CA THR B 54 9.84 2.18 -3.75
C THR B 54 8.79 3.08 -3.10
N LEU B 55 7.66 3.24 -3.78
CA LEU B 55 6.63 4.16 -3.34
C LEU B 55 5.68 3.46 -2.39
N ARG B 56 5.71 3.84 -1.13
CA ARG B 56 4.87 3.26 -0.10
C ARG B 56 3.75 4.21 0.26
N GLY B 57 2.66 3.65 0.76
CA GLY B 57 1.56 4.49 1.19
C GLY B 57 0.18 3.90 0.96
N HIS B 58 0.06 3.00 0.00
CA HIS B 58 -1.23 2.36 -0.24
C HIS B 58 -1.52 1.34 0.87
N LEU B 59 -2.77 1.28 1.29
CA LEU B 59 -3.16 0.41 2.38
C LEU B 59 -3.48 -1.00 1.95
N ALA B 60 -3.63 -1.25 0.65
CA ALA B 60 -4.20 -2.49 0.16
C ALA B 60 -3.59 -2.82 -1.19
N LYS B 61 -4.28 -3.67 -1.93
CA LYS B 61 -3.77 -4.25 -3.16
C LYS B 61 -3.81 -3.26 -4.31
N ILE B 62 -2.65 -2.96 -4.88
CA ILE B 62 -2.55 -2.06 -6.03
C ILE B 62 -2.91 -2.83 -7.29
N TYR B 63 -3.87 -2.32 -8.05
CA TYR B 63 -4.36 -3.02 -9.23
C TYR B 63 -3.95 -2.37 -10.54
N ALA B 64 -3.68 -1.07 -10.57
CA ALA B 64 -3.37 -0.40 -11.82
C ALA B 64 -2.52 0.83 -11.56
N MET B 65 -1.55 1.05 -12.44
CA MET B 65 -0.81 2.29 -12.52
C MET B 65 -0.94 2.86 -13.93
N HIS B 66 -0.68 4.16 -14.05
CA HIS B 66 -0.49 4.77 -15.36
C HIS B 66 0.43 5.97 -15.22
N TRP B 67 1.43 6.03 -16.10
CA TRP B 67 2.34 7.15 -16.16
C TRP B 67 1.66 8.38 -16.76
N GLY B 68 2.27 9.52 -16.52
CA GLY B 68 1.95 10.71 -17.27
C GLY B 68 2.77 10.82 -18.53
N THR B 69 2.48 11.83 -19.34
CA THR B 69 3.27 12.05 -20.53
C THR B 69 4.52 12.88 -20.25
N ASP B 70 4.65 13.43 -19.05
CA ASP B 70 5.85 14.13 -18.63
C ASP B 70 6.91 13.18 -18.08
N SER B 71 6.60 11.89 -18.00
CA SER B 71 7.49 10.83 -17.51
C SER B 71 7.93 11.07 -16.06
N ARG B 72 7.10 11.74 -15.28
CA ARG B 72 7.43 12.00 -13.88
C ARG B 72 6.27 11.77 -12.93
N LEU B 73 5.03 11.84 -13.37
CA LEU B 73 3.89 11.67 -12.49
C LEU B 73 3.23 10.32 -12.78
N LEU B 74 3.13 9.50 -11.75
CA LEU B 74 2.36 8.26 -11.76
C LEU B 74 1.02 8.49 -11.10
N VAL B 75 0.04 7.73 -11.52
CA VAL B 75 -1.19 7.57 -10.75
C VAL B 75 -1.29 6.08 -10.44
N SER B 76 -1.86 5.76 -9.28
CA SER B 76 -1.99 4.38 -8.89
C SER B 76 -3.27 4.19 -8.08
N ALA B 77 -3.94 3.08 -8.33
CA ALA B 77 -5.19 2.74 -7.68
C ALA B 77 -5.00 1.53 -6.79
N SER B 78 -5.76 1.49 -5.70
CA SER B 78 -5.71 0.35 -4.80
C SER B 78 -7.10 0.11 -4.23
N GLN B 79 -7.27 -1.07 -3.64
CA GLN B 79 -8.58 -1.55 -3.21
C GLN B 79 -9.07 -0.90 -1.93
N ASP B 80 -8.29 -0.05 -1.29
CA ASP B 80 -8.80 0.69 -0.15
C ASP B 80 -9.78 1.79 -0.54
N GLY B 81 -9.77 2.19 -1.81
CA GLY B 81 -10.61 3.27 -2.28
C GLY B 81 -9.85 4.58 -2.38
N LYS B 82 -8.60 4.53 -2.81
CA LYS B 82 -7.80 5.74 -2.93
C LYS B 82 -6.93 5.69 -4.18
N LEU B 83 -6.86 6.83 -4.86
CA LEU B 83 -5.90 7.07 -5.91
C LEU B 83 -4.81 7.97 -5.36
N ILE B 84 -3.55 7.64 -5.65
CA ILE B 84 -2.42 8.45 -5.23
C ILE B 84 -1.63 8.84 -6.46
N ILE B 85 -1.41 10.14 -6.63
CA ILE B 85 -0.54 10.67 -7.66
C ILE B 85 0.84 10.88 -7.06
N TRP B 86 1.84 10.27 -7.66
CA TRP B 86 3.20 10.26 -7.14
C TRP B 86 4.13 11.09 -8.00
N ASP B 87 5.10 11.71 -7.34
CA ASP B 87 6.25 12.29 -8.01
C ASP B 87 7.35 11.21 -8.06
N SER B 88 7.69 10.77 -9.26
CA SER B 88 8.61 9.65 -9.42
C SER B 88 10.04 10.00 -9.05
N TYR B 89 10.40 11.28 -9.07
CA TYR B 89 11.80 11.64 -8.85
C TYR B 89 12.09 11.79 -7.37
N THR B 90 11.11 12.25 -6.59
CA THR B 90 11.33 12.63 -5.20
C THR B 90 10.49 11.82 -4.22
N THR B 91 9.75 10.81 -4.71
CA THR B 91 8.92 9.90 -3.92
C THR B 91 7.87 10.68 -3.13
N ASN B 92 7.31 11.72 -3.74
CA ASN B 92 6.36 12.58 -3.07
C ASN B 92 4.94 12.21 -3.45
N LYS B 93 4.01 12.52 -2.55
CA LYS B 93 2.59 12.33 -2.80
C LYS B 93 1.99 13.67 -3.20
N VAL B 94 1.60 13.79 -4.47
CA VAL B 94 1.02 15.03 -4.96
C VAL B 94 -0.44 15.14 -4.55
N HIS B 95 -1.22 14.08 -4.79
CA HIS B 95 -2.63 14.09 -4.47
C HIS B 95 -3.01 12.77 -3.82
N ALA B 96 -4.13 12.80 -3.08
CA ALA B 96 -4.72 11.59 -2.52
C ALA B 96 -6.24 11.74 -2.69
N ILE B 97 -6.79 11.03 -3.66
CA ILE B 97 -8.19 11.16 -4.04
C ILE B 97 -8.95 10.01 -3.39
N PRO B 98 -9.85 10.26 -2.44
CA PRO B 98 -10.71 9.19 -1.92
C PRO B 98 -11.87 8.92 -2.88
N LEU B 99 -11.96 7.68 -3.33
CA LEU B 99 -12.99 7.29 -4.28
C LEU B 99 -14.27 6.91 -3.56
N ARG B 100 -15.36 6.84 -4.32
CA ARG B 100 -16.64 6.43 -3.76
C ARG B 100 -16.79 4.93 -3.70
N SER B 101 -16.02 4.19 -4.50
CA SER B 101 -16.02 2.74 -4.50
C SER B 101 -14.66 2.23 -4.08
N SER B 102 -14.65 1.16 -3.29
CA SER B 102 -13.39 0.56 -2.90
C SER B 102 -12.79 -0.27 -4.02
N TRP B 103 -13.62 -0.78 -4.92
CA TRP B 103 -13.20 -1.79 -5.89
C TRP B 103 -12.96 -1.10 -7.22
N VAL B 104 -11.68 -0.92 -7.55
CA VAL B 104 -11.24 -0.18 -8.72
C VAL B 104 -10.11 -0.97 -9.35
N MET B 105 -10.26 -1.35 -10.62
CA MET B 105 -9.23 -2.15 -11.28
C MET B 105 -8.69 -1.47 -12.53
N THR B 106 -8.92 -0.18 -12.70
CA THR B 106 -8.29 0.56 -13.78
C THR B 106 -8.03 1.98 -13.32
N CYS B 107 -7.01 2.59 -13.90
CA CYS B 107 -6.72 3.99 -13.65
C CYS B 107 -6.12 4.57 -14.91
N ALA B 108 -6.11 5.89 -14.97
CA ALA B 108 -5.75 6.60 -16.19
C ALA B 108 -5.10 7.92 -15.85
N TYR B 109 -4.28 8.42 -16.77
CA TYR B 109 -3.77 9.76 -16.69
C TYR B 109 -3.95 10.39 -18.06
N ALA B 110 -4.57 11.55 -18.10
CA ALA B 110 -4.81 12.22 -19.37
C ALA B 110 -3.48 12.72 -19.94
N PRO B 111 -3.31 12.67 -21.26
CA PRO B 111 -2.03 13.14 -21.84
C PRO B 111 -1.83 14.63 -21.73
N SER B 112 -2.88 15.41 -21.51
CA SER B 112 -2.72 16.80 -21.11
C SER B 112 -2.19 16.89 -19.69
N GLY B 113 -2.70 16.05 -18.80
CA GLY B 113 -2.33 16.07 -17.41
C GLY B 113 -3.36 16.67 -16.49
N ASN B 114 -4.54 17.00 -16.99
CA ASN B 114 -5.54 17.68 -16.19
C ASN B 114 -6.52 16.73 -15.56
N TYR B 115 -6.56 15.48 -16.00
CA TYR B 115 -7.62 14.54 -15.66
C TYR B 115 -7.04 13.17 -15.32
N VAL B 116 -7.63 12.52 -14.34
CA VAL B 116 -7.40 11.11 -14.08
C VAL B 116 -8.75 10.41 -14.13
N ALA B 117 -8.75 9.19 -14.65
CA ALA B 117 -9.96 8.38 -14.65
C ALA B 117 -9.75 7.13 -13.80
N CYS B 118 -10.87 6.58 -13.33
CA CYS B 118 -10.84 5.35 -12.55
C CYS B 118 -12.17 4.63 -12.73
N GLY B 119 -12.11 3.31 -12.65
CA GLY B 119 -13.30 2.50 -12.78
C GLY B 119 -13.06 1.15 -12.14
N GLY B 120 -14.14 0.41 -11.93
CA GLY B 120 -14.03 -0.84 -11.20
C GLY B 120 -15.24 -1.73 -11.18
N LEU B 121 -15.59 -2.23 -9.99
CA LEU B 121 -16.70 -3.15 -9.88
C LEU B 121 -18.03 -2.42 -9.80
N ASP B 122 -18.04 -1.17 -9.38
CA ASP B 122 -19.12 -0.30 -9.80
C ASP B 122 -18.93 -0.04 -11.28
N ASN B 123 -20.04 0.13 -12.00
CA ASN B 123 -19.97 0.12 -13.44
C ASN B 123 -19.68 1.49 -14.04
N ILE B 124 -19.04 2.38 -13.28
CA ILE B 124 -18.91 3.80 -13.61
C ILE B 124 -17.44 4.13 -13.83
N CYS B 125 -17.17 5.01 -14.79
CA CYS B 125 -15.86 5.60 -15.02
C CYS B 125 -15.88 7.01 -14.45
N SER B 126 -15.11 7.25 -13.40
CA SER B 126 -15.12 8.51 -12.69
C SER B 126 -13.94 9.37 -13.15
N ILE B 127 -14.25 10.51 -13.77
CA ILE B 127 -13.24 11.44 -14.24
C ILE B 127 -13.04 12.51 -13.19
N TYR B 128 -11.80 12.75 -12.82
CA TYR B 128 -11.47 13.69 -11.77
C TYR B 128 -10.70 14.87 -12.33
N ASN B 129 -10.95 16.05 -11.76
CA ASN B 129 -10.34 17.29 -12.20
C ASN B 129 -9.21 17.65 -11.26
N LEU B 130 -7.99 17.70 -11.80
CA LEU B 130 -6.80 17.96 -11.00
C LEU B 130 -6.44 19.43 -10.93
N LYS B 131 -6.83 20.22 -11.93
CA LYS B 131 -6.47 21.62 -12.04
C LYS B 131 -7.63 22.53 -11.64
N THR B 132 -8.34 22.13 -10.60
CA THR B 132 -9.47 22.89 -10.10
C THR B 132 -8.98 24.16 -9.42
N ARG B 133 -9.72 25.26 -9.62
CA ARG B 133 -9.38 26.53 -9.00
C ARG B 133 -9.57 26.49 -7.48
N GLU B 134 -10.49 25.66 -7.00
CA GLU B 134 -10.80 25.57 -5.58
C GLU B 134 -9.77 24.80 -4.76
N GLY B 135 -8.79 24.17 -5.40
CA GLY B 135 -7.70 23.54 -4.69
C GLY B 135 -7.90 22.07 -4.36
N ASN B 136 -9.12 21.56 -4.46
CA ASN B 136 -9.40 20.15 -4.19
C ASN B 136 -9.78 19.43 -5.48
N VAL B 137 -9.47 18.15 -5.53
CA VAL B 137 -9.78 17.34 -6.70
C VAL B 137 -11.24 16.91 -6.63
N ARG B 138 -12.05 17.44 -7.53
CA ARG B 138 -13.46 17.12 -7.62
C ARG B 138 -13.70 16.17 -8.79
N VAL B 139 -14.74 15.37 -8.66
CA VAL B 139 -15.14 14.50 -9.76
C VAL B 139 -15.84 15.33 -10.83
N SER B 140 -15.41 15.17 -12.07
CA SER B 140 -15.97 15.93 -13.17
C SER B 140 -17.17 15.22 -13.78
N ARG B 141 -17.03 13.93 -14.05
CA ARG B 141 -18.11 13.12 -14.57
C ARG B 141 -18.13 11.78 -13.88
N GLU B 142 -19.33 11.20 -13.78
CA GLU B 142 -19.51 9.80 -13.42
C GLU B 142 -20.21 9.16 -14.61
N LEU B 143 -19.42 8.63 -15.54
CA LEU B 143 -19.90 8.01 -16.77
C LEU B 143 -20.57 6.68 -16.46
N ALA B 144 -21.89 6.66 -16.46
CA ALA B 144 -22.65 5.45 -16.22
C ALA B 144 -23.32 5.01 -17.52
N GLY B 145 -23.57 3.70 -17.63
CA GLY B 145 -24.24 3.18 -18.79
C GLY B 145 -23.64 1.91 -19.35
N HIS B 146 -22.77 1.27 -18.59
CA HIS B 146 -22.01 0.13 -19.07
C HIS B 146 -22.31 -1.03 -18.14
N THR B 147 -23.16 -1.96 -18.58
CA THR B 147 -23.69 -3.00 -17.71
C THR B 147 -22.63 -4.06 -17.42
N GLY B 148 -22.13 -4.09 -16.20
CA GLY B 148 -20.98 -4.90 -15.85
C GLY B 148 -19.77 -4.05 -15.52
N TYR B 149 -18.75 -4.70 -14.96
CA TYR B 149 -17.65 -3.99 -14.34
C TYR B 149 -16.76 -3.34 -15.39
N LEU B 150 -15.86 -2.47 -14.92
CA LEU B 150 -15.00 -1.70 -15.81
C LEU B 150 -13.57 -2.15 -15.61
N SER B 151 -12.98 -2.78 -16.62
CA SER B 151 -11.64 -3.34 -16.51
C SER B 151 -10.54 -2.42 -16.96
N CYS B 152 -10.72 -1.70 -18.06
CA CYS B 152 -9.69 -0.82 -18.59
C CYS B 152 -10.32 0.46 -19.13
N CYS B 153 -11.19 1.08 -18.34
CA CYS B 153 -11.62 2.46 -18.64
C CYS B 153 -10.48 3.41 -18.25
N ARG B 154 -9.42 3.34 -19.01
CA ARG B 154 -8.16 3.78 -18.49
C ARG B 154 -7.33 4.44 -19.55
N PHE B 155 -7.93 4.68 -20.71
CA PHE B 155 -7.21 5.29 -21.81
C PHE B 155 -8.04 6.44 -22.35
N LEU B 156 -7.50 7.65 -22.23
CA LEU B 156 -8.13 8.86 -22.76
C LEU B 156 -7.50 9.21 -24.08
N ASP B 157 -8.32 9.64 -25.05
CA ASP B 157 -7.77 10.09 -26.32
C ASP B 157 -7.23 11.51 -26.20
N ASP B 158 -8.11 12.50 -26.03
CA ASP B 158 -7.70 13.74 -25.39
C ASP B 158 -8.74 14.27 -24.41
N ASN B 159 -10.00 14.26 -24.82
CA ASN B 159 -11.14 14.54 -23.96
C ASN B 159 -12.31 13.67 -24.36
N GLN B 160 -12.02 12.52 -24.93
CA GLN B 160 -12.96 11.44 -25.09
C GLN B 160 -12.26 10.15 -24.65
N ILE B 161 -12.98 9.33 -23.88
CA ILE B 161 -12.41 8.16 -23.26
C ILE B 161 -12.91 6.91 -23.97
N VAL B 162 -12.12 5.84 -23.85
CA VAL B 162 -12.50 4.51 -24.31
C VAL B 162 -12.48 3.57 -23.11
N THR B 163 -13.53 2.76 -22.98
CA THR B 163 -13.86 1.99 -21.80
C THR B 163 -13.98 0.53 -22.20
N SER B 164 -13.64 -0.40 -21.31
CA SER B 164 -13.66 -1.82 -21.66
C SER B 164 -13.90 -2.70 -20.44
N SER B 165 -15.16 -3.11 -20.19
CA SER B 165 -15.56 -4.49 -19.85
C SER B 165 -17.01 -4.63 -19.47
N GLY B 166 -17.38 -5.86 -19.10
CA GLY B 166 -18.60 -6.17 -18.40
C GLY B 166 -19.71 -6.71 -19.27
N ASP B 167 -20.18 -5.89 -20.21
CA ASP B 167 -21.15 -6.32 -21.20
C ASP B 167 -20.49 -6.88 -22.45
N THR B 168 -19.25 -7.34 -22.32
CA THR B 168 -18.39 -7.78 -23.43
C THR B 168 -18.24 -6.71 -24.52
N THR B 169 -18.27 -5.44 -24.13
CA THR B 169 -18.28 -4.35 -25.08
C THR B 169 -17.20 -3.32 -24.75
N CYS B 170 -16.92 -2.47 -25.72
CA CYS B 170 -16.07 -1.30 -25.55
C CYS B 170 -16.83 -0.06 -26.01
N ALA B 171 -16.53 1.08 -25.39
CA ALA B 171 -17.29 2.30 -25.61
C ALA B 171 -16.37 3.47 -25.96
N LEU B 172 -16.98 4.57 -26.40
CA LEU B 172 -16.28 5.80 -26.79
C LEU B 172 -17.02 7.02 -26.25
N TRP B 173 -17.08 7.13 -24.92
CA TRP B 173 -17.77 8.23 -24.26
C TRP B 173 -17.24 9.59 -24.65
N ASP B 174 -18.11 10.59 -24.54
CA ASP B 174 -17.78 12.00 -24.69
C ASP B 174 -17.92 12.65 -23.32
N ILE B 175 -16.80 13.12 -22.76
CA ILE B 175 -16.78 13.48 -21.35
C ILE B 175 -17.54 14.78 -21.11
N GLU B 176 -17.64 15.63 -22.12
CA GLU B 176 -18.36 16.89 -21.95
C GLU B 176 -19.86 16.65 -21.81
N THR B 177 -20.39 15.71 -22.59
CA THR B 177 -21.81 15.38 -22.54
C THR B 177 -22.13 14.22 -21.63
N GLY B 178 -21.23 13.26 -21.49
CA GLY B 178 -21.47 12.13 -20.61
C GLY B 178 -22.26 11.01 -21.22
N GLN B 179 -22.10 10.77 -22.52
CA GLN B 179 -22.87 9.75 -23.21
C GLN B 179 -21.99 9.04 -24.21
N GLN B 180 -22.44 7.87 -24.65
CA GLN B 180 -21.67 7.00 -25.51
C GLN B 180 -21.84 7.40 -26.96
N THR B 181 -20.73 7.51 -27.67
CA THR B 181 -20.76 7.85 -29.09
C THR B 181 -20.65 6.62 -29.97
N THR B 182 -19.85 5.63 -29.57
CA THR B 182 -19.70 4.39 -30.31
C THR B 182 -19.60 3.24 -29.33
N THR B 183 -20.43 2.23 -29.52
CA THR B 183 -20.36 0.98 -28.76
C THR B 183 -19.73 -0.08 -29.66
N PHE B 184 -18.65 -0.69 -29.18
CA PHE B 184 -17.93 -1.70 -29.92
C PHE B 184 -18.38 -3.08 -29.45
N THR B 185 -19.06 -3.82 -30.30
CA THR B 185 -19.59 -5.13 -29.97
C THR B 185 -18.92 -6.20 -30.81
N GLY B 186 -18.77 -7.38 -30.24
CA GLY B 186 -18.18 -8.48 -30.97
C GLY B 186 -17.36 -9.45 -30.15
N HIS B 187 -17.07 -9.13 -28.90
CA HIS B 187 -16.42 -10.07 -28.00
C HIS B 187 -17.46 -10.95 -27.34
N THR B 188 -17.10 -12.21 -27.11
CA THR B 188 -18.00 -13.15 -26.46
C THR B 188 -17.84 -13.13 -24.96
N GLY B 189 -16.60 -13.04 -24.47
CA GLY B 189 -16.33 -13.01 -23.05
C GLY B 189 -16.02 -11.61 -22.56
N ASP B 190 -15.75 -11.53 -21.26
CA ASP B 190 -15.45 -10.25 -20.62
C ASP B 190 -14.12 -9.71 -21.12
N VAL B 191 -14.10 -8.40 -21.39
CA VAL B 191 -13.01 -7.77 -22.11
C VAL B 191 -12.01 -7.20 -21.11
N MET B 192 -10.77 -7.67 -21.14
CA MET B 192 -9.87 -7.42 -20.01
C MET B 192 -8.94 -6.23 -20.22
N SER B 193 -8.42 -6.03 -21.43
CA SER B 193 -7.41 -5.01 -21.62
C SER B 193 -7.55 -4.35 -22.98
N LEU B 194 -7.26 -3.05 -23.03
CA LEU B 194 -7.22 -2.32 -24.29
C LEU B 194 -5.89 -1.56 -24.37
N SER B 195 -5.48 -1.30 -25.61
CA SER B 195 -4.30 -0.49 -25.88
C SER B 195 -4.60 0.43 -27.05
N LEU B 196 -4.46 1.72 -26.83
CA LEU B 196 -4.59 2.69 -27.91
C LEU B 196 -3.30 2.75 -28.72
N ALA B 197 -3.44 3.05 -29.99
CA ALA B 197 -2.31 3.20 -30.88
C ALA B 197 -1.64 4.54 -30.64
N PRO B 198 -0.40 4.73 -31.12
CA PRO B 198 0.21 6.07 -31.06
C PRO B 198 -0.56 7.15 -31.81
N ASP B 199 -1.24 6.81 -32.91
CA ASP B 199 -1.97 7.83 -33.66
C ASP B 199 -3.37 8.08 -33.11
N THR B 200 -3.80 7.31 -32.10
CA THR B 200 -5.12 7.40 -31.46
C THR B 200 -6.26 7.25 -32.46
N ARG B 201 -6.05 6.43 -33.49
CA ARG B 201 -7.05 6.16 -34.50
C ARG B 201 -7.52 4.71 -34.48
N LEU B 202 -6.71 3.81 -33.93
CA LEU B 202 -7.07 2.42 -33.75
C LEU B 202 -6.84 2.05 -32.29
N PHE B 203 -7.53 1.00 -31.83
CA PHE B 203 -7.21 0.43 -30.53
C PHE B 203 -7.48 -1.06 -30.55
N VAL B 204 -6.57 -1.81 -29.94
CA VAL B 204 -6.66 -3.25 -29.86
C VAL B 204 -7.21 -3.62 -28.49
N SER B 205 -7.89 -4.75 -28.42
CA SER B 205 -8.70 -5.06 -27.24
C SER B 205 -8.77 -6.56 -27.03
N GLY B 206 -8.52 -7.01 -25.81
CA GLY B 206 -8.41 -8.43 -25.50
C GLY B 206 -9.45 -8.86 -24.49
N ALA B 207 -10.05 -10.02 -24.73
CA ALA B 207 -11.16 -10.48 -23.92
C ALA B 207 -10.91 -11.91 -23.44
N CYS B 208 -11.82 -12.40 -22.61
CA CYS B 208 -11.74 -13.74 -22.05
C CYS B 208 -12.27 -14.81 -22.98
N ASP B 209 -12.48 -14.51 -24.26
CA ASP B 209 -12.79 -15.51 -25.27
C ASP B 209 -11.57 -15.88 -26.11
N ALA B 210 -10.37 -15.63 -25.58
CA ALA B 210 -9.09 -15.95 -26.20
C ALA B 210 -8.88 -15.28 -27.55
N SER B 211 -9.42 -14.07 -27.74
CA SER B 211 -9.30 -13.39 -29.02
C SER B 211 -9.05 -11.90 -28.81
N ALA B 212 -8.18 -11.34 -29.64
CA ALA B 212 -7.88 -9.92 -29.64
C ALA B 212 -8.39 -9.30 -30.93
N LYS B 213 -9.03 -8.15 -30.81
CA LYS B 213 -9.71 -7.50 -31.92
C LYS B 213 -9.21 -6.08 -32.10
N LEU B 214 -8.83 -5.74 -33.33
CA LEU B 214 -8.60 -4.36 -33.70
C LEU B 214 -9.92 -3.68 -33.95
N TRP B 215 -10.08 -2.47 -33.42
CA TRP B 215 -11.25 -1.66 -33.72
C TRP B 215 -10.81 -0.33 -34.28
N ASP B 216 -11.68 0.24 -35.12
CA ASP B 216 -11.51 1.60 -35.62
C ASP B 216 -12.35 2.54 -34.78
N VAL B 217 -11.72 3.61 -34.31
CA VAL B 217 -12.38 4.49 -33.36
C VAL B 217 -13.42 5.36 -34.06
N ARG B 218 -13.14 5.74 -35.31
CA ARG B 218 -14.06 6.62 -36.04
C ARG B 218 -15.23 5.84 -36.62
N GLU B 219 -14.94 4.74 -37.34
CA GLU B 219 -16.02 3.99 -37.99
C GLU B 219 -16.78 3.13 -37.00
N GLY B 220 -16.11 2.55 -36.01
CA GLY B 220 -16.79 1.69 -35.05
C GLY B 220 -16.78 0.23 -35.41
N MET B 221 -15.91 -0.20 -36.32
CA MET B 221 -15.93 -1.54 -36.86
C MET B 221 -14.71 -2.33 -36.42
N CYS B 222 -14.92 -3.62 -36.17
CA CYS B 222 -13.85 -4.55 -35.86
C CYS B 222 -13.23 -4.99 -37.17
N ARG B 223 -12.12 -4.38 -37.54
CA ARG B 223 -11.57 -4.65 -38.86
C ARG B 223 -10.69 -5.89 -38.92
N GLN B 224 -10.19 -6.37 -37.79
CA GLN B 224 -9.39 -7.59 -37.72
C GLN B 224 -9.69 -8.30 -36.41
N THR B 225 -9.45 -9.62 -36.39
CA THR B 225 -9.50 -10.36 -35.14
C THR B 225 -8.44 -11.47 -35.14
N PHE B 226 -7.85 -11.70 -33.98
CA PHE B 226 -6.69 -12.57 -33.82
C PHE B 226 -7.02 -13.62 -32.77
N THR B 227 -6.92 -14.89 -33.16
CA THR B 227 -7.45 -16.01 -32.38
C THR B 227 -6.37 -17.04 -32.08
N GLY B 228 -5.23 -16.59 -31.56
CA GLY B 228 -4.10 -17.48 -31.39
C GLY B 228 -3.95 -18.14 -30.04
N HIS B 229 -4.53 -17.55 -29.00
CA HIS B 229 -4.24 -17.99 -27.64
C HIS B 229 -5.09 -19.19 -27.27
N GLU B 230 -4.87 -19.70 -26.05
CA GLU B 230 -5.61 -20.83 -25.53
C GLU B 230 -6.42 -20.51 -24.29
N SER B 231 -6.22 -19.35 -23.67
CA SER B 231 -6.97 -18.98 -22.49
C SER B 231 -7.25 -17.48 -22.56
N ASP B 232 -7.66 -16.91 -21.43
CA ASP B 232 -8.11 -15.53 -21.38
C ASP B 232 -6.94 -14.56 -21.51
N ILE B 233 -7.11 -13.55 -22.36
CA ILE B 233 -6.09 -12.53 -22.56
C ILE B 233 -6.24 -11.46 -21.50
N ASN B 234 -5.24 -11.32 -20.64
CA ASN B 234 -5.28 -10.41 -19.52
C ASN B 234 -4.67 -9.05 -19.81
N ALA B 235 -3.70 -8.98 -20.72
CA ALA B 235 -2.98 -7.75 -20.97
C ALA B 235 -2.76 -7.58 -22.46
N ILE B 236 -2.65 -6.33 -22.89
CA ILE B 236 -2.41 -6.02 -24.29
C ILE B 236 -1.62 -4.72 -24.36
N CYS B 237 -0.76 -4.61 -25.37
CA CYS B 237 0.13 -3.46 -25.49
C CYS B 237 0.60 -3.34 -26.93
N PHE B 238 0.52 -2.14 -27.48
CA PHE B 238 0.98 -1.85 -28.83
C PHE B 238 2.49 -1.73 -28.91
N PHE B 239 3.03 -2.15 -30.04
CA PHE B 239 4.39 -1.81 -30.44
C PHE B 239 4.49 -0.30 -30.66
N PRO B 240 5.67 0.29 -30.50
CA PRO B 240 5.79 1.74 -30.65
C PRO B 240 5.54 2.30 -32.04
N ASN B 241 5.41 1.47 -33.08
CA ASN B 241 5.05 1.99 -34.39
C ASN B 241 3.61 1.65 -34.78
N GLY B 242 2.87 0.95 -33.92
CA GLY B 242 1.48 0.67 -34.18
C GLY B 242 1.20 -0.35 -35.26
N ASN B 243 2.19 -1.14 -35.66
CA ASN B 243 2.00 -2.21 -36.63
C ASN B 243 1.93 -3.58 -35.97
N ALA B 244 2.26 -3.68 -34.69
CA ALA B 244 2.28 -4.94 -33.98
C ALA B 244 1.72 -4.70 -32.59
N PHE B 245 1.36 -5.78 -31.92
CA PHE B 245 1.00 -5.70 -30.51
C PHE B 245 1.31 -7.02 -29.83
N ALA B 246 1.28 -6.99 -28.50
CA ALA B 246 1.61 -8.14 -27.68
C ALA B 246 0.48 -8.44 -26.72
N THR B 247 0.19 -9.72 -26.54
CA THR B 247 -0.85 -10.20 -25.64
C THR B 247 -0.26 -11.19 -24.66
N GLY B 248 -0.57 -11.03 -23.39
CA GLY B 248 -0.24 -12.02 -22.38
C GLY B 248 -1.51 -12.68 -21.86
N SER B 249 -1.47 -13.99 -21.72
CA SER B 249 -2.65 -14.74 -21.33
C SER B 249 -2.37 -15.58 -20.10
N ASP B 250 -3.40 -16.30 -19.66
CA ASP B 250 -3.31 -17.21 -18.52
C ASP B 250 -2.58 -18.51 -18.84
N ASP B 251 -2.24 -18.75 -20.10
CA ASP B 251 -1.52 -19.95 -20.50
C ASP B 251 -0.01 -19.79 -20.43
N ALA B 252 0.47 -18.81 -19.66
CA ALA B 252 1.89 -18.52 -19.42
C ALA B 252 2.66 -18.22 -20.69
N THR B 253 1.99 -17.71 -21.72
CA THR B 253 2.63 -17.36 -22.98
C THR B 253 2.30 -15.92 -23.34
N CYS B 254 3.26 -15.27 -23.99
CA CYS B 254 3.04 -13.99 -24.63
C CYS B 254 3.19 -14.17 -26.13
N ARG B 255 2.33 -13.52 -26.89
CA ARG B 255 2.35 -13.64 -28.34
C ARG B 255 2.40 -12.28 -29.00
N LEU B 256 3.19 -12.18 -30.08
CA LEU B 256 3.37 -10.95 -30.82
C LEU B 256 2.67 -11.08 -32.16
N PHE B 257 1.57 -10.36 -32.33
CA PHE B 257 0.81 -10.34 -33.57
C PHE B 257 1.30 -9.22 -34.46
N ASP B 258 0.83 -9.21 -35.69
CA ASP B 258 1.18 -8.18 -36.65
C ASP B 258 -0.08 -7.75 -37.37
N LEU B 259 -0.24 -6.45 -37.57
CA LEU B 259 -1.50 -5.94 -38.09
C LEU B 259 -1.55 -6.00 -39.61
N ARG B 260 -0.40 -5.94 -40.28
CA ARG B 260 -0.39 -5.95 -41.73
C ARG B 260 -0.30 -7.36 -42.31
N ALA B 261 0.16 -8.33 -41.52
CA ALA B 261 0.13 -9.72 -41.95
C ALA B 261 -1.06 -10.48 -41.38
N ASP B 262 -1.67 -9.96 -40.31
CA ASP B 262 -2.87 -10.50 -39.67
C ASP B 262 -2.68 -11.93 -39.19
N GLN B 263 -1.59 -12.16 -38.46
CA GLN B 263 -1.35 -13.44 -37.81
C GLN B 263 -0.41 -13.22 -36.64
N GLU B 264 -0.01 -14.32 -36.02
CA GLU B 264 0.91 -14.32 -34.89
C GLU B 264 2.32 -14.60 -35.37
N LEU B 265 3.27 -13.78 -34.93
CA LEU B 265 4.65 -13.89 -35.37
C LEU B 265 5.51 -14.73 -34.43
N MET B 266 5.48 -14.44 -33.14
CA MET B 266 6.38 -15.08 -32.20
C MET B 266 5.65 -15.33 -30.88
N THR B 267 5.97 -16.46 -30.25
CA THR B 267 5.39 -16.87 -28.97
C THR B 267 6.49 -16.84 -27.92
N TYR B 268 6.24 -16.14 -26.82
CA TYR B 268 7.22 -16.00 -25.74
C TYR B 268 6.82 -16.91 -24.59
N SER B 269 7.50 -18.05 -24.48
CA SER B 269 7.12 -19.06 -23.51
C SER B 269 8.34 -19.79 -23.01
N HIS B 270 8.24 -20.27 -21.77
CA HIS B 270 9.28 -21.07 -21.13
C HIS B 270 8.59 -22.19 -20.38
N ASP B 271 9.23 -23.36 -20.34
CA ASP B 271 8.64 -24.51 -19.66
C ASP B 271 8.66 -24.35 -18.15
N ASN B 272 9.53 -23.51 -17.62
CA ASN B 272 9.53 -23.23 -16.19
C ASN B 272 8.31 -22.40 -15.79
N ILE B 273 7.88 -21.49 -16.67
CA ILE B 273 6.77 -20.60 -16.36
C ILE B 273 5.45 -21.34 -16.55
N ILE B 274 4.67 -21.41 -15.48
CA ILE B 274 3.34 -22.03 -15.51
C ILE B 274 2.25 -21.09 -15.04
N CYS B 275 2.54 -19.81 -14.84
CA CYS B 275 1.60 -18.85 -14.30
C CYS B 275 1.28 -17.79 -15.34
N GLY B 276 0.09 -17.22 -15.23
CA GLY B 276 -0.40 -16.32 -16.26
C GLY B 276 0.21 -14.95 -16.19
N ILE B 277 0.16 -14.26 -17.32
CA ILE B 277 0.69 -12.90 -17.45
C ILE B 277 -0.39 -11.91 -17.06
N THR B 278 -0.08 -11.03 -16.13
CA THR B 278 -1.02 -10.02 -15.66
C THR B 278 -0.86 -8.67 -16.32
N SER B 279 0.31 -8.40 -16.89
CA SER B 279 0.63 -7.06 -17.40
C SER B 279 1.77 -7.18 -18.40
N VAL B 280 1.59 -6.54 -19.55
CA VAL B 280 2.62 -6.51 -20.58
C VAL B 280 2.86 -5.06 -20.97
N SER B 281 4.10 -4.76 -21.34
CA SER B 281 4.50 -3.45 -21.82
C SER B 281 5.76 -3.61 -22.66
N PHE B 282 5.98 -2.66 -23.55
CA PHE B 282 7.14 -2.63 -24.42
C PHE B 282 8.12 -1.57 -23.93
N SER B 283 9.32 -1.60 -24.50
CA SER B 283 10.26 -0.52 -24.28
C SER B 283 9.98 0.60 -25.28
N LYS B 284 10.81 1.64 -25.25
CA LYS B 284 10.63 2.75 -26.18
C LYS B 284 11.03 2.36 -27.59
N SER B 285 11.97 1.43 -27.72
CA SER B 285 12.43 0.99 -29.03
C SER B 285 11.63 -0.17 -29.58
N GLY B 286 11.02 -0.98 -28.72
CA GLY B 286 10.31 -2.16 -29.14
C GLY B 286 11.10 -3.45 -29.07
N ARG B 287 12.32 -3.40 -28.51
CA ARG B 287 13.13 -4.61 -28.42
C ARG B 287 12.80 -5.42 -27.18
N LEU B 288 12.41 -4.76 -26.10
CA LEU B 288 12.08 -5.42 -24.87
C LEU B 288 10.58 -5.58 -24.73
N LEU B 289 10.17 -6.71 -24.17
CA LEU B 289 8.78 -7.01 -23.90
C LEU B 289 8.71 -7.41 -22.43
N LEU B 290 8.41 -6.44 -21.59
CA LEU B 290 8.36 -6.67 -20.15
C LEU B 290 7.00 -7.25 -19.80
N ALA B 291 6.99 -8.34 -19.05
CA ALA B 291 5.76 -9.05 -18.72
C ALA B 291 5.73 -9.36 -17.24
N GLY B 292 4.63 -9.00 -16.58
CA GLY B 292 4.44 -9.33 -15.18
C GLY B 292 3.56 -10.55 -15.02
N TYR B 293 3.88 -11.37 -14.03
CA TYR B 293 3.32 -12.71 -13.94
C TYR B 293 2.49 -12.89 -12.68
N ASP B 294 1.82 -14.04 -12.60
CA ASP B 294 0.99 -14.35 -11.43
C ASP B 294 1.85 -14.61 -10.21
N ASP B 295 3.04 -15.17 -10.39
CA ASP B 295 4.01 -15.22 -9.30
C ASP B 295 4.68 -13.85 -9.21
N PHE B 296 5.67 -13.73 -8.34
CA PHE B 296 6.10 -12.43 -7.86
C PHE B 296 7.19 -11.80 -8.74
N ASN B 297 7.29 -12.19 -10.00
CA ASN B 297 8.39 -11.80 -10.86
C ASN B 297 7.89 -11.16 -12.14
N CYS B 298 8.70 -10.24 -12.66
CA CYS B 298 8.53 -9.71 -14.00
C CYS B 298 9.68 -10.21 -14.86
N ASN B 299 9.41 -10.54 -16.11
CA ASN B 299 10.44 -11.00 -17.01
C ASN B 299 10.65 -9.99 -18.13
N VAL B 300 11.89 -9.88 -18.56
CA VAL B 300 12.27 -9.03 -19.68
C VAL B 300 12.54 -9.96 -20.85
N TRP B 301 11.69 -9.89 -21.87
CA TRP B 301 11.82 -10.70 -23.05
C TRP B 301 12.39 -9.88 -24.19
N ASP B 302 13.34 -10.46 -24.90
CA ASP B 302 13.72 -9.94 -26.20
C ASP B 302 12.57 -10.18 -27.17
N ALA B 303 12.05 -9.11 -27.75
CA ALA B 303 10.91 -9.23 -28.64
C ALA B 303 11.28 -9.69 -30.04
N LEU B 304 12.57 -9.86 -30.33
CA LEU B 304 13.02 -10.25 -31.64
C LEU B 304 13.66 -11.64 -31.65
N LYS B 305 13.99 -12.20 -30.49
CA LYS B 305 14.62 -13.50 -30.39
C LYS B 305 13.88 -14.49 -29.52
N ALA B 306 12.80 -14.07 -28.83
CA ALA B 306 12.02 -14.88 -27.88
C ALA B 306 12.91 -15.45 -26.77
N ASP B 307 13.78 -14.62 -26.22
CA ASP B 307 14.73 -15.04 -25.21
C ASP B 307 14.57 -14.17 -23.98
N ARG B 308 14.66 -14.78 -22.80
CA ARG B 308 14.59 -14.04 -21.55
C ARG B 308 15.90 -13.31 -21.36
N ALA B 309 15.87 -11.99 -21.53
CA ALA B 309 17.08 -11.19 -21.36
C ALA B 309 17.40 -11.02 -19.89
N GLY B 310 16.38 -10.97 -19.05
CA GLY B 310 16.61 -10.73 -17.64
C GLY B 310 15.35 -10.98 -16.86
N VAL B 311 15.38 -10.58 -15.60
CA VAL B 311 14.27 -10.79 -14.68
C VAL B 311 14.27 -9.66 -13.66
N LEU B 312 13.11 -9.05 -13.46
CA LEU B 312 12.96 -8.05 -12.42
C LEU B 312 12.78 -8.74 -11.08
N ALA B 313 13.38 -8.15 -10.05
CA ALA B 313 13.46 -8.77 -8.74
C ALA B 313 12.12 -8.73 -8.04
N GLY B 314 12.12 -9.13 -6.78
CA GLY B 314 10.92 -9.58 -6.15
C GLY B 314 10.01 -8.47 -5.66
N HIS B 315 8.73 -8.70 -5.88
CA HIS B 315 7.68 -8.25 -4.99
C HIS B 315 7.33 -9.42 -4.08
N ASP B 316 6.42 -9.19 -3.14
CA ASP B 316 5.99 -10.24 -2.24
C ASP B 316 4.63 -10.80 -2.58
N ASN B 317 4.02 -10.32 -3.65
CA ASN B 317 2.71 -10.79 -4.08
C ASN B 317 2.65 -10.71 -5.59
N ARG B 318 1.43 -10.78 -6.12
CA ARG B 318 1.21 -10.84 -7.57
C ARG B 318 1.50 -9.49 -8.20
N VAL B 319 2.43 -9.47 -9.16
CA VAL B 319 2.65 -8.28 -9.98
C VAL B 319 1.41 -8.03 -10.81
N SER B 320 0.77 -6.88 -10.58
CA SER B 320 -0.53 -6.59 -11.16
C SER B 320 -0.51 -5.53 -12.23
N CYS B 321 0.43 -4.60 -12.17
CA CYS B 321 0.47 -3.51 -13.14
C CYS B 321 1.92 -3.19 -13.47
N LEU B 322 2.13 -2.77 -14.72
CA LEU B 322 3.46 -2.57 -15.26
C LEU B 322 3.38 -1.52 -16.37
N GLY B 323 4.24 -0.52 -16.30
CA GLY B 323 4.27 0.46 -17.37
C GLY B 323 5.60 1.15 -17.57
N VAL B 324 6.11 1.10 -18.79
CA VAL B 324 7.35 1.77 -19.15
C VAL B 324 7.02 3.20 -19.53
N THR B 325 7.79 4.14 -19.00
CA THR B 325 7.49 5.55 -19.13
C THR B 325 7.77 6.02 -20.56
N ASP B 326 7.23 7.19 -20.90
CA ASP B 326 7.25 7.66 -22.28
C ASP B 326 8.63 8.07 -22.76
N ASP B 327 9.53 8.42 -21.85
CA ASP B 327 10.92 8.65 -22.21
C ASP B 327 11.72 7.37 -22.33
N GLY B 328 11.19 6.24 -21.86
CA GLY B 328 11.89 4.98 -21.90
C GLY B 328 12.91 4.78 -20.81
N MET B 329 12.99 5.69 -19.85
CA MET B 329 14.03 5.62 -18.83
C MET B 329 13.67 4.63 -17.72
N ALA B 330 12.44 4.68 -17.23
CA ALA B 330 12.04 3.92 -16.07
C ALA B 330 11.03 2.84 -16.41
N VAL B 331 10.96 1.84 -15.54
CA VAL B 331 9.96 0.79 -15.58
C VAL B 331 9.30 0.76 -14.21
N ALA B 332 7.99 0.94 -14.16
CA ALA B 332 7.25 0.99 -12.91
C ALA B 332 6.44 -0.29 -12.76
N THR B 333 6.57 -0.93 -11.60
CA THR B 333 5.90 -2.18 -11.32
C THR B 333 5.13 -2.05 -10.02
N GLY B 334 3.84 -2.33 -10.05
CA GLY B 334 3.01 -2.33 -8.86
C GLY B 334 2.38 -3.70 -8.66
N SER B 335 2.19 -4.05 -7.39
CA SER B 335 1.79 -5.41 -7.06
C SER B 335 0.80 -5.40 -5.92
N TRP B 336 0.44 -6.59 -5.47
CA TRP B 336 -0.53 -6.77 -4.41
C TRP B 336 0.08 -6.69 -3.02
N ASP B 337 1.35 -6.29 -2.92
CA ASP B 337 2.01 -6.07 -1.65
C ASP B 337 1.97 -4.60 -1.23
N SER B 338 1.09 -3.81 -1.85
CA SER B 338 0.88 -2.38 -1.63
C SER B 338 2.10 -1.53 -1.96
N PHE B 339 3.01 -2.02 -2.80
CA PHE B 339 4.24 -1.30 -3.11
C PHE B 339 4.39 -1.15 -4.61
N LEU B 340 4.61 0.08 -5.05
CA LEU B 340 5.11 0.39 -6.38
C LEU B 340 6.64 0.44 -6.33
N LYS B 341 7.26 0.06 -7.42
CA LYS B 341 8.71 0.09 -7.50
C LYS B 341 9.11 0.60 -8.88
N ILE B 342 10.09 1.50 -8.90
CA ILE B 342 10.57 2.11 -10.14
C ILE B 342 11.94 1.55 -10.45
N TRP B 343 12.09 1.00 -11.64
CA TRP B 343 13.24 0.21 -12.03
C TRP B 343 14.03 0.92 -13.12
N ASN B 344 15.23 0.43 -13.37
CA ASN B 344 16.15 1.11 -14.26
C ASN B 344 17.26 0.19 -14.74
N VAL C 39 -13.68 31.67 -5.39
CA VAL C 39 -12.43 32.00 -4.71
C VAL C 39 -12.50 33.45 -4.27
N GLN C 40 -12.34 33.68 -2.97
CA GLN C 40 -12.47 35.00 -2.39
C GLN C 40 -11.69 35.06 -1.09
N LEU C 41 -11.06 36.20 -0.82
CA LEU C 41 -10.30 36.44 0.40
C LEU C 41 -10.57 37.87 0.87
N VAL C 42 -11.45 38.02 1.84
CA VAL C 42 -11.84 39.33 2.35
C VAL C 42 -11.08 39.59 3.64
N GLU C 43 -10.33 40.68 3.67
CA GLU C 43 -9.50 41.03 4.82
C GLU C 43 -10.21 42.05 5.69
N SER C 44 -10.06 41.89 6.99
CA SER C 44 -10.72 42.73 7.98
C SER C 44 -9.67 43.31 8.93
N GLY C 45 -10.14 43.94 10.00
CA GLY C 45 -9.25 44.65 10.87
C GLY C 45 -8.79 45.95 10.24
N GLY C 46 -7.77 46.54 10.84
CA GLY C 46 -7.14 47.70 10.26
C GLY C 46 -7.85 48.99 10.60
N GLY C 47 -7.15 50.09 10.36
CA GLY C 47 -7.59 51.40 10.78
C GLY C 47 -6.44 52.21 11.36
N LEU C 48 -6.73 53.10 12.28
CA LEU C 48 -5.74 54.00 12.85
C LEU C 48 -5.36 53.50 14.25
N VAL C 49 -4.07 53.34 14.49
CA VAL C 49 -3.55 52.85 15.76
C VAL C 49 -2.38 53.75 16.16
N GLN C 50 -2.44 54.32 17.36
CA GLN C 50 -1.32 55.11 17.87
C GLN C 50 -0.17 54.17 18.20
N PRO C 51 1.07 54.51 17.83
CA PRO C 51 2.19 53.56 17.96
C PRO C 51 2.52 53.23 19.41
N GLY C 52 2.66 51.94 19.67
CA GLY C 52 2.72 51.41 21.02
C GLY C 52 1.58 50.48 21.35
N GLY C 53 0.53 50.47 20.54
CA GLY C 53 -0.59 49.58 20.72
C GLY C 53 -0.51 48.35 19.83
N SER C 54 -1.64 47.66 19.71
CA SER C 54 -1.70 46.38 19.06
C SER C 54 -2.96 46.30 18.21
N ARG C 55 -2.95 45.41 17.22
CA ARG C 55 -4.11 45.22 16.36
C ARG C 55 -4.02 43.84 15.73
N LYS C 56 -5.13 43.11 15.75
CA LYS C 56 -5.22 41.82 15.08
C LYS C 56 -5.89 42.00 13.73
N LEU C 57 -5.34 41.35 12.71
CA LEU C 57 -5.91 41.37 11.38
C LEU C 57 -6.60 40.04 11.12
N SER C 58 -7.48 40.03 10.13
CA SER C 58 -8.28 38.86 9.81
C SER C 58 -8.40 38.73 8.31
N CYS C 59 -8.66 37.50 7.86
CA CYS C 59 -8.73 37.20 6.45
C CYS C 59 -9.68 36.02 6.28
N SER C 60 -10.93 36.32 5.95
CA SER C 60 -11.97 35.30 5.85
C SER C 60 -11.98 34.73 4.45
N ALA C 61 -11.63 33.46 4.33
CA ALA C 61 -11.55 32.78 3.04
C ALA C 61 -12.86 32.10 2.72
N SER C 62 -13.22 32.12 1.44
CA SER C 62 -14.46 31.49 1.01
C SER C 62 -14.29 31.02 -0.42
N GLY C 63 -14.80 29.84 -0.71
CA GLY C 63 -14.82 29.35 -2.06
C GLY C 63 -13.61 28.57 -2.49
N PHE C 64 -12.80 28.07 -1.55
CA PHE C 64 -11.74 27.13 -1.88
C PHE C 64 -11.42 26.33 -0.61
N ALA C 65 -10.64 25.27 -0.80
CA ALA C 65 -10.20 24.43 0.31
C ALA C 65 -9.07 25.13 1.04
N PHE C 66 -9.39 25.79 2.15
CA PHE C 66 -8.44 26.65 2.84
C PHE C 66 -7.34 25.86 3.54
N SER C 67 -7.66 24.66 4.01
CA SER C 67 -6.71 23.92 4.83
C SER C 67 -5.58 23.30 4.03
N SER C 68 -5.71 23.23 2.71
CA SER C 68 -4.64 22.69 1.88
C SER C 68 -3.78 23.77 1.27
N PHE C 69 -4.03 25.03 1.58
CA PHE C 69 -3.29 26.16 1.02
C PHE C 69 -2.42 26.77 2.10
N GLY C 70 -1.17 27.06 1.75
CA GLY C 70 -0.37 27.94 2.56
C GLY C 70 -0.79 29.37 2.37
N MET C 71 -0.57 30.18 3.39
CA MET C 71 -0.98 31.57 3.38
C MET C 71 0.19 32.49 3.70
N HIS C 72 0.30 33.59 2.97
CA HIS C 72 1.31 34.60 3.19
C HIS C 72 0.64 35.92 3.50
N TRP C 73 1.40 36.85 4.08
CA TRP C 73 0.99 38.24 4.19
C TRP C 73 2.04 39.11 3.50
N VAL C 74 1.58 40.02 2.65
CA VAL C 74 2.45 40.93 1.91
C VAL C 74 1.95 42.35 2.14
N ARG C 75 2.81 43.20 2.67
CA ARG C 75 2.45 44.59 2.91
C ARG C 75 2.79 45.45 1.70
N GLN C 76 2.20 46.64 1.65
CA GLN C 76 2.52 47.61 0.61
C GLN C 76 2.39 49.01 1.22
N ALA C 77 3.54 49.67 1.43
CA ALA C 77 3.57 51.02 1.93
C ALA C 77 3.03 51.98 0.88
N PRO C 78 2.53 53.15 1.29
CA PRO C 78 1.99 54.12 0.31
C PRO C 78 3.06 54.64 -0.62
N GLU C 79 2.73 54.63 -1.92
CA GLU C 79 3.62 54.90 -3.07
C GLU C 79 5.02 54.31 -2.90
N LYS C 80 5.06 53.03 -2.53
CA LYS C 80 6.30 52.27 -2.44
C LYS C 80 6.03 50.89 -3.05
N GLY C 81 6.97 49.97 -2.84
CA GLY C 81 6.85 48.63 -3.37
C GLY C 81 6.23 47.66 -2.38
N LEU C 82 6.29 46.38 -2.72
CA LEU C 82 5.75 45.32 -1.90
C LEU C 82 6.81 44.80 -0.94
N GLU C 83 6.35 44.14 0.11
CA GLU C 83 7.24 43.59 1.13
C GLU C 83 6.59 42.41 1.80
N TRP C 84 7.33 41.31 1.92
CA TRP C 84 6.81 40.07 2.47
C TRP C 84 6.87 40.09 3.99
N VAL C 85 5.77 39.69 4.64
CA VAL C 85 5.58 39.88 6.08
C VAL C 85 5.66 38.56 6.85
N ALA C 86 4.75 37.63 6.57
CA ALA C 86 4.67 36.40 7.36
C ALA C 86 4.21 35.26 6.47
N TYR C 87 4.13 34.07 7.06
CA TYR C 87 3.77 32.85 6.34
C TYR C 87 3.34 31.81 7.35
N ILE C 88 2.28 31.06 7.01
CA ILE C 88 1.91 29.87 7.75
C ILE C 88 1.54 28.80 6.73
N SER C 89 2.05 27.59 6.91
CA SER C 89 1.87 26.55 5.92
C SER C 89 0.59 25.77 6.23
N SER C 90 0.25 24.86 5.34
CA SER C 90 -0.91 24.00 5.54
C SER C 90 -0.62 23.01 6.66
N GLY C 91 -1.42 23.07 7.72
CA GLY C 91 -1.17 22.29 8.89
C GLY C 91 -0.41 23.00 9.99
N SER C 92 -0.03 24.26 9.75
CA SER C 92 0.64 25.13 10.72
C SER C 92 1.96 24.56 11.21
N GLY C 93 2.64 23.81 10.36
CA GLY C 93 3.88 23.20 10.75
C GLY C 93 5.07 24.11 10.57
N THR C 94 5.04 24.92 9.52
CA THR C 94 6.12 25.85 9.21
C THR C 94 5.58 27.27 9.24
N ILE C 95 6.15 28.09 10.10
CA ILE C 95 5.79 29.51 10.20
C ILE C 95 7.07 30.32 10.07
N TYR C 96 7.18 31.09 8.99
CA TYR C 96 8.38 31.85 8.69
C TYR C 96 8.05 33.33 8.60
N TYR C 97 8.90 34.17 9.22
CA TYR C 97 8.70 35.61 9.24
C TYR C 97 9.87 36.32 8.58
N ALA C 98 9.65 37.61 8.28
CA ALA C 98 10.72 38.50 7.87
C ALA C 98 11.35 39.13 9.11
N ASP C 99 12.54 39.71 8.92
CA ASP C 99 13.30 40.19 10.05
C ASP C 99 12.76 41.48 10.65
N THR C 100 11.98 42.24 9.89
CA THR C 100 11.43 43.49 10.39
C THR C 100 10.14 43.29 11.18
N VAL C 101 9.65 42.06 11.29
CA VAL C 101 8.40 41.79 11.99
C VAL C 101 8.57 40.62 12.94
N LYS C 102 9.79 40.08 13.03
CA LYS C 102 10.03 38.90 13.84
C LYS C 102 10.04 39.26 15.32
N GLY C 103 9.31 38.49 16.11
CA GLY C 103 9.25 38.70 17.54
C GLY C 103 8.14 39.64 17.96
N ARG C 104 7.64 40.39 16.98
CA ARG C 104 6.63 41.40 17.19
C ARG C 104 5.29 41.01 16.57
N PHE C 105 5.31 40.34 15.44
CA PHE C 105 4.12 39.92 14.73
C PHE C 105 3.89 38.43 14.94
N THR C 106 2.63 38.03 15.03
CA THR C 106 2.29 36.63 15.25
C THR C 106 1.18 36.23 14.30
N ILE C 107 1.44 35.21 13.47
CA ILE C 107 0.48 34.76 12.46
C ILE C 107 -0.08 33.41 12.89
N SER C 108 -1.39 33.28 12.82
CA SER C 108 -2.08 32.04 13.15
C SER C 108 -3.14 31.78 12.09
N ARG C 109 -3.84 30.66 12.26
CA ARG C 109 -4.98 30.34 11.42
C ARG C 109 -5.96 29.47 12.20
N ASP C 110 -7.20 29.46 11.72
CA ASP C 110 -8.24 28.61 12.30
C ASP C 110 -9.02 28.00 11.15
N ASP C 111 -8.63 26.78 10.77
CA ASP C 111 -9.15 26.06 9.62
C ASP C 111 -10.63 25.65 9.68
N PRO C 112 -11.23 25.31 10.85
CA PRO C 112 -12.69 25.13 10.85
C PRO C 112 -13.48 26.39 10.54
N LYS C 113 -13.04 27.57 10.99
CA LYS C 113 -13.74 28.80 10.65
C LYS C 113 -13.22 29.44 9.38
N ASN C 114 -12.20 28.86 8.74
CA ASN C 114 -11.61 29.32 7.47
C ASN C 114 -11.12 30.76 7.56
N THR C 115 -10.37 31.06 8.61
CA THR C 115 -9.89 32.42 8.84
C THR C 115 -8.39 32.41 9.13
N LEU C 116 -7.76 33.55 8.84
CA LEU C 116 -6.32 33.72 8.95
C LEU C 116 -6.03 35.00 9.70
N PHE C 117 -5.15 34.93 10.68
CA PHE C 117 -4.92 36.04 11.60
C PHE C 117 -3.50 36.56 11.50
N LEU C 118 -3.31 37.80 11.95
CA LEU C 118 -2.00 38.41 12.11
C LEU C 118 -2.08 39.33 13.31
N GLN C 119 -1.53 38.89 14.43
CA GLN C 119 -1.52 39.69 15.65
C GLN C 119 -0.22 40.47 15.72
N MET C 120 -0.32 41.78 15.61
CA MET C 120 0.82 42.68 15.71
C MET C 120 0.80 43.33 17.09
N THR C 121 1.97 43.46 17.71
CA THR C 121 2.01 43.72 19.15
C THR C 121 2.43 45.13 19.51
N SER C 122 3.49 45.68 18.90
CA SER C 122 3.95 47.03 19.25
C SER C 122 4.23 47.77 17.95
N LEU C 123 3.21 48.42 17.41
CA LEU C 123 3.26 48.87 16.03
C LEU C 123 4.18 50.08 15.87
N ARG C 124 5.15 49.94 14.98
CA ARG C 124 6.00 51.05 14.56
C ARG C 124 5.37 51.76 13.38
N SER C 125 5.96 52.89 12.99
CA SER C 125 5.42 53.66 11.88
C SER C 125 6.00 53.22 10.54
N GLU C 126 6.77 52.15 10.50
CA GLU C 126 7.06 51.45 9.26
C GLU C 126 6.02 50.40 8.97
N ASP C 127 4.97 50.31 9.79
CA ASP C 127 3.87 49.37 9.62
C ASP C 127 2.64 50.02 9.01
N THR C 128 2.76 51.21 8.45
CA THR C 128 1.65 51.84 7.75
C THR C 128 1.64 51.36 6.31
N ALA C 129 0.71 50.47 6.00
CA ALA C 129 0.75 49.78 4.73
C ALA C 129 -0.63 49.24 4.40
N MET C 130 -0.72 48.60 3.25
CA MET C 130 -1.86 47.78 2.88
C MET C 130 -1.42 46.32 2.92
N TYR C 131 -2.08 45.53 3.74
CA TYR C 131 -1.67 44.17 4.04
C TYR C 131 -2.54 43.20 3.25
N TYR C 132 -1.95 42.55 2.26
CA TYR C 132 -2.65 41.60 1.41
C TYR C 132 -2.55 40.21 2.00
N CYS C 133 -3.46 39.34 1.58
CA CYS C 133 -3.62 37.99 2.11
C CYS C 133 -3.57 37.04 0.93
N VAL C 134 -2.38 36.64 0.54
CA VAL C 134 -2.18 35.84 -0.66
C VAL C 134 -2.03 34.37 -0.28
N ARG C 135 -2.72 33.51 -1.03
CA ARG C 135 -2.67 32.08 -0.88
C ARG C 135 -1.61 31.48 -1.81
N SER C 136 -1.19 30.26 -1.49
CA SER C 136 -0.14 29.58 -2.24
C SER C 136 -0.22 28.08 -1.96
N ILE C 137 -0.12 27.27 -3.01
CA ILE C 137 -0.10 25.83 -2.87
C ILE C 137 1.21 25.31 -3.46
N TYR C 138 1.70 24.21 -2.91
CA TYR C 138 3.05 23.72 -3.18
C TYR C 138 3.02 22.23 -3.46
N TYR C 139 2.93 21.89 -4.74
CA TYR C 139 3.22 20.55 -5.22
C TYR C 139 3.91 20.70 -6.56
N TYR C 140 4.20 19.57 -7.20
CA TYR C 140 4.87 19.60 -8.50
C TYR C 140 3.89 20.10 -9.55
N GLY C 141 4.20 21.25 -10.13
CA GLY C 141 3.34 21.86 -11.11
C GLY C 141 2.33 22.83 -10.55
N SER C 142 2.46 23.23 -9.30
CA SER C 142 1.53 24.14 -8.69
C SER C 142 1.79 25.57 -9.15
N SER C 143 0.84 26.44 -8.85
CA SER C 143 0.92 27.87 -9.17
C SER C 143 0.79 28.65 -7.87
N PRO C 144 1.87 28.86 -7.13
CA PRO C 144 1.77 29.60 -5.88
C PRO C 144 1.69 31.10 -6.12
N PHE C 145 1.22 31.80 -5.09
CA PHE C 145 0.89 33.22 -5.12
C PHE C 145 -0.13 33.53 -6.21
N ASP C 146 -1.16 32.71 -6.32
CA ASP C 146 -2.09 32.79 -7.44
C ASP C 146 -3.26 33.73 -7.16
N PHE C 147 -3.74 33.79 -5.94
CA PHE C 147 -4.89 34.63 -5.61
C PHE C 147 -4.57 35.49 -4.40
N TRP C 148 -4.88 36.77 -4.50
CA TRP C 148 -4.66 37.75 -3.45
C TRP C 148 -6.00 38.30 -3.02
N GLY C 149 -6.02 38.97 -1.87
CA GLY C 149 -7.22 39.56 -1.34
C GLY C 149 -7.30 41.04 -1.62
N GLN C 150 -8.35 41.66 -1.08
CA GLN C 150 -8.57 43.08 -1.33
C GLN C 150 -7.58 43.97 -0.62
N GLY C 151 -7.33 43.72 0.64
CA GLY C 151 -6.37 44.51 1.38
C GLY C 151 -7.03 45.33 2.47
N THR C 152 -6.29 45.56 3.54
CA THR C 152 -6.69 46.45 4.62
C THR C 152 -5.66 47.54 4.83
N THR C 153 -6.14 48.78 4.96
CA THR C 153 -5.30 49.94 5.16
C THR C 153 -5.13 50.15 6.65
N LEU C 154 -3.95 49.81 7.16
CA LEU C 154 -3.58 50.09 8.53
C LEU C 154 -2.64 51.29 8.54
N THR C 155 -3.03 52.34 9.23
CA THR C 155 -2.22 53.55 9.34
C THR C 155 -1.82 53.77 10.79
N VAL C 156 -0.53 53.71 11.07
CA VAL C 156 -0.01 53.91 12.41
C VAL C 156 0.54 55.33 12.50
N SER C 157 -0.04 56.13 13.38
CA SER C 157 0.31 57.53 13.52
C SER C 157 1.71 57.73 14.10
N ASP C 175 20.40 38.76 2.17
CA ASP C 175 19.28 38.24 1.41
C ASP C 175 19.40 38.60 -0.06
N ILE C 176 18.69 37.85 -0.92
CA ILE C 176 18.75 38.04 -2.35
C ILE C 176 18.02 39.34 -2.70
N VAL C 177 18.77 40.32 -3.17
CA VAL C 177 18.21 41.64 -3.48
C VAL C 177 17.87 41.66 -4.95
N MET C 178 16.61 41.87 -5.27
CA MET C 178 16.15 41.90 -6.65
C MET C 178 15.86 43.33 -7.07
N THR C 179 16.57 43.80 -8.09
CA THR C 179 16.49 45.17 -8.56
C THR C 179 16.00 45.20 -10.00
N GLN C 180 15.00 46.03 -10.25
CA GLN C 180 14.51 46.25 -11.61
C GLN C 180 15.47 47.17 -12.35
N ALA C 181 15.68 46.86 -13.63
CA ALA C 181 16.65 47.63 -14.42
C ALA C 181 16.14 49.03 -14.73
N THR C 182 14.84 49.23 -14.71
CA THR C 182 14.23 50.53 -14.96
C THR C 182 13.06 50.70 -14.00
N SER C 183 12.37 51.83 -14.11
CA SER C 183 11.24 52.11 -13.25
C SER C 183 10.00 52.61 -13.98
N SER C 184 10.15 53.23 -15.16
CA SER C 184 9.00 53.78 -15.86
C SER C 184 9.24 53.69 -17.36
N VAL C 185 8.37 52.98 -18.06
CA VAL C 185 8.42 52.84 -19.50
C VAL C 185 7.06 53.25 -20.07
N PRO C 186 6.96 54.43 -20.68
CA PRO C 186 5.71 54.83 -21.34
C PRO C 186 5.66 54.29 -22.77
N VAL C 187 4.68 53.41 -23.03
CA VAL C 187 4.51 52.81 -24.36
C VAL C 187 3.03 52.82 -24.72
N THR C 188 2.72 53.34 -25.92
CA THR C 188 1.39 53.40 -26.53
C THR C 188 0.87 52.00 -26.82
N PRO C 189 -0.45 51.81 -26.85
CA PRO C 189 -1.01 50.47 -27.08
C PRO C 189 -0.71 49.94 -28.49
N GLY C 190 -0.13 48.75 -28.53
CA GLY C 190 0.15 48.06 -29.77
C GLY C 190 1.60 47.69 -30.01
N GLU C 191 2.48 47.93 -29.05
CA GLU C 191 3.91 47.70 -29.24
C GLU C 191 4.42 46.62 -28.27
N SER C 192 5.65 46.20 -28.51
CA SER C 192 6.29 45.20 -27.67
C SER C 192 7.09 45.84 -26.55
N VAL C 193 6.82 45.41 -25.31
CA VAL C 193 7.46 45.95 -24.12
C VAL C 193 8.22 44.82 -23.43
N SER C 194 9.45 45.09 -23.01
CA SER C 194 10.23 44.17 -22.21
C SER C 194 10.55 44.79 -20.87
N ILE C 195 10.27 44.06 -19.80
CA ILE C 195 10.52 44.51 -18.43
C ILE C 195 11.54 43.57 -17.82
N SER C 196 12.71 44.10 -17.50
CA SER C 196 13.83 43.29 -17.06
C SER C 196 14.09 43.46 -15.57
N CYS C 197 14.72 42.45 -14.99
CA CYS C 197 15.16 42.48 -13.61
C CYS C 197 16.38 41.60 -13.45
N ARG C 198 17.10 41.82 -12.35
CA ARG C 198 18.30 41.05 -12.03
C ARG C 198 18.26 40.64 -10.58
N SER C 199 19.03 39.60 -10.26
CA SER C 199 19.10 39.06 -8.91
C SER C 199 20.53 39.14 -8.39
N SER C 200 20.65 39.06 -7.07
CA SER C 200 21.98 38.96 -6.45
C SER C 200 22.56 37.57 -6.63
N LYS C 201 21.89 36.56 -6.10
CA LYS C 201 22.23 35.16 -6.30
C LYS C 201 21.45 34.60 -7.48
N SER C 202 22.03 33.59 -8.13
CA SER C 202 21.34 32.93 -9.23
C SER C 202 20.13 32.16 -8.72
N LEU C 203 19.01 32.30 -9.42
CA LEU C 203 17.75 31.69 -9.02
C LEU C 203 17.55 30.31 -9.61
N LEU C 204 18.56 29.77 -10.28
CA LEU C 204 18.50 28.42 -10.84
C LEU C 204 18.97 27.44 -9.79
N HIS C 205 18.04 26.70 -9.22
CA HIS C 205 18.36 25.64 -8.26
C HIS C 205 18.84 24.40 -9.00
N SER C 206 19.33 23.42 -8.25
CA SER C 206 19.95 22.25 -8.84
C SER C 206 18.93 21.32 -9.49
N ASN C 207 17.64 21.49 -9.21
CA ASN C 207 16.60 20.67 -9.80
C ASN C 207 16.14 21.17 -11.16
N GLY C 208 16.69 22.28 -11.65
CA GLY C 208 16.36 22.80 -12.95
C GLY C 208 15.43 24.00 -12.94
N ASN C 209 14.74 24.25 -11.83
CA ASN C 209 13.77 25.32 -11.77
C ASN C 209 14.47 26.67 -11.64
N THR C 210 13.77 27.71 -12.08
CA THR C 210 14.19 29.09 -11.86
C THR C 210 13.07 29.81 -11.14
N TYR C 211 13.22 29.98 -9.84
CA TYR C 211 12.14 30.42 -8.96
C TYR C 211 11.97 31.94 -9.07
N LEU C 212 11.20 32.37 -10.05
CA LEU C 212 10.97 33.77 -10.30
C LEU C 212 9.53 34.02 -10.71
N TYR C 213 8.88 34.96 -10.04
CA TYR C 213 7.45 35.14 -10.09
C TYR C 213 7.13 36.56 -10.51
N TRP C 214 6.52 36.73 -11.68
CA TRP C 214 6.13 38.03 -12.18
C TRP C 214 4.71 38.36 -11.77
N PHE C 215 4.44 39.65 -11.53
CA PHE C 215 3.14 40.12 -11.07
C PHE C 215 2.74 41.36 -11.84
N LEU C 216 1.51 41.81 -11.60
CA LEU C 216 1.00 43.07 -12.12
C LEU C 216 -0.03 43.62 -11.16
N GLN C 217 0.15 44.85 -10.74
CA GLN C 217 -0.83 45.55 -9.90
C GLN C 217 -1.40 46.72 -10.68
N ARG C 218 -2.62 46.56 -11.14
CA ARG C 218 -3.33 47.63 -11.82
C ARG C 218 -3.70 48.72 -10.81
N PRO C 219 -3.99 49.94 -11.27
CA PRO C 219 -4.40 51.01 -10.35
C PRO C 219 -5.70 50.69 -9.63
N GLY C 220 -5.61 50.66 -8.29
CA GLY C 220 -6.79 50.40 -7.48
C GLY C 220 -7.18 48.95 -7.37
N GLN C 221 -6.22 48.03 -7.50
CA GLN C 221 -6.53 46.61 -7.50
C GLN C 221 -5.48 45.86 -6.68
N SER C 222 -5.73 44.58 -6.50
CA SER C 222 -4.77 43.66 -5.93
C SER C 222 -3.86 43.11 -7.02
N PRO C 223 -2.63 42.71 -6.67
CA PRO C 223 -1.76 42.09 -7.67
C PRO C 223 -2.26 40.72 -8.09
N GLN C 224 -1.98 40.38 -9.33
CA GLN C 224 -2.31 39.08 -9.87
C GLN C 224 -1.07 38.50 -10.51
N LEU C 225 -0.98 37.18 -10.47
CA LEU C 225 0.21 36.48 -10.96
C LEU C 225 0.17 36.40 -12.47
N LEU C 226 1.34 36.53 -13.08
CA LEU C 226 1.49 36.47 -14.53
C LEU C 226 2.32 35.28 -14.97
N ILE C 227 3.55 35.16 -14.47
CA ILE C 227 4.46 34.08 -14.83
C ILE C 227 5.14 33.61 -13.55
N TYR C 228 5.08 32.30 -13.26
CA TYR C 228 5.44 31.85 -11.93
C TYR C 228 6.78 31.13 -11.80
N ARG C 229 7.27 30.43 -12.82
CA ARG C 229 8.61 29.83 -12.72
C ARG C 229 9.44 30.20 -13.93
N MET C 230 9.46 31.51 -14.24
CA MET C 230 10.24 32.20 -15.27
C MET C 230 9.74 31.90 -16.69
N SER C 231 8.87 30.91 -16.86
CA SER C 231 8.40 30.54 -18.19
C SER C 231 6.92 30.17 -18.27
N ASN C 232 6.23 30.02 -17.15
CA ASN C 232 4.91 29.37 -17.13
C ASN C 232 3.82 30.40 -16.90
N LEU C 233 2.91 30.52 -17.87
CA LEU C 233 1.78 31.42 -17.76
C LEU C 233 0.77 30.93 -16.73
N ALA C 234 0.06 31.86 -16.11
CA ALA C 234 -0.93 31.51 -15.12
C ALA C 234 -2.27 31.20 -15.78
N SER C 235 -3.25 30.86 -14.95
CA SER C 235 -4.60 30.56 -15.42
C SER C 235 -5.39 31.86 -15.51
N GLY C 236 -5.83 32.20 -16.72
CA GLY C 236 -6.53 33.44 -16.96
C GLY C 236 -5.68 34.54 -17.55
N VAL C 237 -4.46 34.23 -17.96
CA VAL C 237 -3.51 35.20 -18.50
C VAL C 237 -3.28 34.87 -19.97
N PRO C 238 -3.45 35.84 -20.88
CA PRO C 238 -3.28 35.54 -22.31
C PRO C 238 -1.83 35.32 -22.69
N ASP C 239 -1.65 34.86 -23.92
CA ASP C 239 -0.34 34.50 -24.45
C ASP C 239 0.47 35.69 -24.93
N ARG C 240 0.00 36.92 -24.68
CA ARG C 240 0.82 38.09 -24.93
C ARG C 240 2.01 38.14 -23.99
N PHE C 241 1.80 37.75 -22.73
CA PHE C 241 2.85 37.77 -21.72
C PHE C 241 3.75 36.56 -21.88
N SER C 242 5.05 36.81 -22.05
CA SER C 242 6.03 35.74 -22.19
C SER C 242 7.25 36.09 -21.36
N GLY C 243 7.86 35.07 -20.79
CA GLY C 243 8.99 35.25 -19.89
C GLY C 243 10.15 34.36 -20.25
N SER C 244 11.34 34.93 -20.23
CA SER C 244 12.57 34.20 -20.46
C SER C 244 13.59 34.64 -19.41
N GLY C 245 14.73 33.97 -19.40
CA GLY C 245 15.76 34.31 -18.45
C GLY C 245 16.94 33.39 -18.63
N SER C 246 17.96 33.62 -17.82
CA SER C 246 19.17 32.82 -17.93
C SER C 246 19.78 32.48 -16.57
N GLY C 247 19.16 32.87 -15.47
CA GLY C 247 19.71 32.55 -14.17
C GLY C 247 19.96 33.76 -13.30
N THR C 248 20.39 34.86 -13.91
CA THR C 248 20.61 36.09 -13.16
C THR C 248 19.87 37.23 -13.86
N ALA C 249 19.74 37.16 -15.18
CA ALA C 249 19.02 38.17 -15.95
C ALA C 249 17.69 37.59 -16.40
N PHE C 250 16.62 38.35 -16.22
CA PHE C 250 15.26 37.91 -16.47
C PHE C 250 14.52 38.96 -17.28
N THR C 251 13.58 38.52 -18.10
CA THR C 251 12.91 39.41 -19.04
C THR C 251 11.47 38.97 -19.25
N LEU C 252 10.53 39.87 -19.01
CA LEU C 252 9.11 39.65 -19.27
C LEU C 252 8.72 40.47 -20.48
N THR C 253 8.30 39.79 -21.55
CA THR C 253 7.94 40.43 -22.80
C THR C 253 6.43 40.40 -22.99
N ILE C 254 5.87 41.56 -23.32
CA ILE C 254 4.47 41.68 -23.71
C ILE C 254 4.45 41.98 -25.20
N SER C 255 3.79 41.12 -25.98
CA SER C 255 3.86 41.24 -27.44
C SER C 255 3.00 42.39 -27.93
N ARG C 256 1.70 42.33 -27.72
CA ARG C 256 0.81 43.44 -28.02
C ARG C 256 0.18 43.93 -26.72
N LEU C 257 0.04 45.24 -26.60
CA LEU C 257 -0.33 45.86 -25.34
C LEU C 257 -1.75 46.39 -25.42
N GLU C 258 -2.49 46.22 -24.33
CA GLU C 258 -3.87 46.65 -24.19
C GLU C 258 -3.97 47.68 -23.06
N ALA C 259 -5.19 48.08 -22.75
CA ALA C 259 -5.37 49.07 -21.70
C ALA C 259 -5.34 48.46 -20.31
N GLU C 260 -5.67 47.17 -20.20
CA GLU C 260 -5.57 46.48 -18.92
C GLU C 260 -4.17 45.98 -18.63
N ASP C 261 -3.22 46.17 -19.56
CA ASP C 261 -1.84 45.77 -19.36
C ASP C 261 -1.02 46.83 -18.62
N VAL C 262 -1.63 47.95 -18.23
CA VAL C 262 -0.90 48.98 -17.52
C VAL C 262 -0.94 48.70 -16.03
N GLY C 263 -0.01 49.30 -15.32
CA GLY C 263 0.11 49.12 -13.89
C GLY C 263 1.56 49.01 -13.51
N VAL C 264 1.81 48.42 -12.33
CA VAL C 264 3.15 48.26 -11.81
C VAL C 264 3.50 46.79 -11.84
N TYR C 265 4.60 46.45 -12.48
CA TYR C 265 5.04 45.08 -12.67
C TYR C 265 6.13 44.74 -11.65
N TYR C 266 5.93 43.66 -10.91
CA TYR C 266 6.84 43.24 -9.86
C TYR C 266 7.44 41.89 -10.18
N CYS C 267 8.56 41.59 -9.53
CA CYS C 267 9.25 40.33 -9.65
C CYS C 267 9.61 39.83 -8.26
N MET C 268 9.56 38.50 -8.08
CA MET C 268 9.76 37.92 -6.77
C MET C 268 10.47 36.59 -6.90
N GLN C 269 11.49 36.39 -6.09
CA GLN C 269 12.21 35.13 -6.02
C GLN C 269 11.53 34.19 -5.02
N HIS C 270 11.75 32.90 -5.19
CA HIS C 270 11.29 31.91 -4.22
C HIS C 270 12.35 30.85 -3.98
N LEU C 271 13.61 31.25 -3.84
CA LEU C 271 14.64 30.34 -3.37
C LEU C 271 14.78 30.40 -1.85
N GLU C 272 15.10 31.56 -1.32
CA GLU C 272 15.31 31.75 0.10
C GLU C 272 14.09 32.45 0.68
N TYR C 273 13.70 32.03 1.87
CA TYR C 273 12.32 32.31 2.28
C TYR C 273 11.97 33.74 2.68
N PRO C 274 12.90 34.62 3.16
CA PRO C 274 12.53 36.04 3.22
C PRO C 274 12.36 36.61 1.83
N LEU C 275 11.17 36.42 1.26
CA LEU C 275 10.90 36.65 -0.15
C LEU C 275 11.02 38.14 -0.46
N THR C 276 12.07 38.49 -1.17
CA THR C 276 12.34 39.88 -1.52
C THR C 276 11.81 40.16 -2.91
N PHE C 277 11.01 41.21 -3.03
CA PHE C 277 10.40 41.58 -4.28
C PHE C 277 11.36 42.43 -5.10
N GLY C 278 10.85 43.04 -6.16
CA GLY C 278 11.54 44.12 -6.83
C GLY C 278 10.92 45.46 -6.49
N ALA C 279 11.53 46.51 -7.05
CA ALA C 279 11.03 47.86 -6.80
C ALA C 279 9.75 48.16 -7.54
N GLY C 280 9.55 47.56 -8.71
CA GLY C 280 8.35 47.77 -9.48
C GLY C 280 8.58 48.63 -10.71
N THR C 281 8.18 48.12 -11.87
CA THR C 281 8.28 48.86 -13.13
C THR C 281 6.88 49.26 -13.56
N LYS C 282 6.68 50.56 -13.74
CA LYS C 282 5.38 51.11 -14.06
C LYS C 282 5.29 51.37 -15.55
N LEU C 283 4.23 50.87 -16.18
CA LEU C 283 3.90 51.22 -17.55
C LEU C 283 2.76 52.23 -17.53
N GLU C 284 3.01 53.41 -18.11
CA GLU C 284 1.99 54.43 -18.24
C GLU C 284 1.68 54.63 -19.72
N LEU C 285 0.48 55.11 -20.00
CA LEU C 285 0.05 55.28 -21.38
C LEU C 285 -0.48 56.70 -21.61
N ALA D 7 8.22 27.82 -6.04
CA ALA D 7 7.61 26.85 -5.14
C ALA D 7 8.65 25.89 -4.59
N GLU D 8 9.03 26.13 -3.33
CA GLU D 8 10.12 25.38 -2.71
C GLU D 8 9.74 23.92 -2.53
N ASP D 9 10.73 23.05 -2.72
CA ASP D 9 10.52 21.62 -2.59
C ASP D 9 10.28 21.18 -1.15
N LYS D 10 10.74 21.98 -0.18
CA LYS D 10 10.49 21.66 1.22
C LYS D 10 9.01 21.77 1.56
N ALA D 11 8.28 22.66 0.89
CA ALA D 11 6.85 22.79 1.14
C ALA D 11 6.04 21.74 0.40
N ALA D 12 6.67 20.95 -0.46
CA ALA D 12 6.00 19.81 -1.06
C ALA D 12 6.14 18.56 -0.21
N VAL D 13 7.19 18.49 0.61
CA VAL D 13 7.33 17.37 1.53
C VAL D 13 6.42 17.57 2.74
N GLU D 14 6.13 18.81 3.10
CA GLU D 14 5.15 19.06 4.15
C GLU D 14 3.74 18.72 3.68
N ARG D 15 3.48 18.84 2.38
CA ARG D 15 2.22 18.37 1.83
C ARG D 15 2.18 16.84 1.78
N SER D 16 3.30 16.23 1.41
CA SER D 16 3.36 14.77 1.32
C SER D 16 3.34 14.11 2.70
N LYS D 17 3.83 14.80 3.72
CA LYS D 17 3.73 14.28 5.08
C LYS D 17 2.35 14.49 5.66
N MET D 18 1.64 15.53 5.24
CA MET D 18 0.27 15.74 5.66
C MET D 18 -0.71 14.80 4.99
N ILE D 19 -0.35 14.28 3.81
CA ILE D 19 -1.18 13.27 3.16
C ILE D 19 -1.01 11.93 3.84
N GLU D 20 0.23 11.59 4.23
CA GLU D 20 0.50 10.34 4.92
C GLU D 20 -0.12 10.29 6.31
N LYS D 21 -0.33 11.45 6.95
CA LYS D 21 -1.05 11.45 8.21
C LYS D 21 -2.53 11.19 8.02
N GLN D 22 -3.07 11.46 6.84
CA GLN D 22 -4.44 11.10 6.53
C GLN D 22 -4.55 9.65 6.11
N LEU D 23 -3.51 9.11 5.50
CA LEU D 23 -3.50 7.70 5.14
C LEU D 23 -3.34 6.80 6.35
N GLN D 24 -2.61 7.23 7.36
CA GLN D 24 -2.43 6.39 8.55
C GLN D 24 -3.62 6.46 9.49
N LYS D 25 -4.43 7.51 9.43
CA LYS D 25 -5.66 7.49 10.19
C LYS D 25 -6.83 6.96 9.40
N ASP D 26 -6.60 6.56 8.15
CA ASP D 26 -7.55 5.74 7.42
C ASP D 26 -7.15 4.27 7.41
N LYS D 27 -5.91 3.97 7.81
CA LYS D 27 -5.50 2.59 8.04
C LYS D 27 -6.12 2.03 9.31
N GLN D 28 -6.48 2.90 10.26
CA GLN D 28 -7.11 2.43 11.48
C GLN D 28 -8.54 1.97 11.25
N VAL D 29 -9.27 2.60 10.34
CA VAL D 29 -10.62 2.17 10.02
C VAL D 29 -10.66 1.13 8.92
N TYR D 30 -9.53 0.82 8.29
CA TYR D 30 -9.47 -0.26 7.33
C TYR D 30 -9.12 -1.58 8.00
N ARG D 31 -8.17 -1.56 8.93
CA ARG D 31 -7.75 -2.77 9.62
C ARG D 31 -8.77 -3.21 10.66
N ARG D 32 -9.56 -2.28 11.19
CA ARG D 32 -10.57 -2.61 12.17
C ARG D 32 -11.89 -3.07 11.56
N THR D 33 -12.14 -2.77 10.31
CA THR D 33 -13.39 -3.18 9.69
C THR D 33 -13.24 -4.55 9.05
N LEU D 34 -14.35 -5.26 8.93
CA LEU D 34 -14.38 -6.61 8.43
C LEU D 34 -15.21 -6.64 7.16
N ARG D 35 -14.60 -7.09 6.08
CA ARG D 35 -15.28 -7.12 4.79
C ARG D 35 -15.89 -8.49 4.58
N LEU D 36 -17.04 -8.52 3.92
CA LEU D 36 -17.73 -9.76 3.63
C LEU D 36 -18.25 -9.70 2.21
N LEU D 37 -18.61 -10.86 1.67
CA LEU D 37 -19.06 -10.96 0.29
C LEU D 37 -20.28 -11.86 0.23
N LEU D 38 -21.42 -11.30 -0.18
CA LEU D 38 -22.62 -12.07 -0.36
C LEU D 38 -22.62 -12.72 -1.73
N LEU D 39 -22.91 -14.00 -1.76
CA LEU D 39 -23.07 -14.73 -3.00
C LEU D 39 -24.32 -15.57 -2.93
N GLY D 40 -24.92 -15.81 -4.07
CA GLY D 40 -26.12 -16.61 -4.15
C GLY D 40 -26.91 -16.28 -5.38
N ALA D 41 -27.84 -17.19 -5.71
CA ALA D 41 -28.71 -17.02 -6.85
C ALA D 41 -29.92 -16.17 -6.45
N ASP D 42 -30.85 -16.01 -7.39
CA ASP D 42 -31.99 -15.14 -7.16
C ASP D 42 -33.07 -15.80 -6.30
N ASN D 43 -33.19 -17.13 -6.35
CA ASN D 43 -34.17 -17.82 -5.52
C ASN D 43 -33.74 -17.85 -4.06
N SER D 44 -32.44 -17.80 -3.81
CA SER D 44 -31.94 -17.69 -2.45
C SER D 44 -32.27 -16.31 -1.89
N GLY D 45 -32.83 -16.27 -0.69
CA GLY D 45 -33.34 -15.04 -0.13
C GLY D 45 -32.25 -14.08 0.33
N LYS D 46 -31.45 -13.63 -0.64
CA LYS D 46 -30.27 -12.84 -0.34
C LYS D 46 -30.64 -11.41 0.02
N SER D 47 -31.56 -10.82 -0.72
CA SER D 47 -31.99 -9.45 -0.45
C SER D 47 -32.77 -9.32 0.85
N THR D 48 -33.35 -10.41 1.34
CA THR D 48 -34.04 -10.37 2.61
C THR D 48 -33.06 -10.31 3.78
N ILE D 49 -31.91 -10.97 3.65
CA ILE D 49 -30.87 -10.92 4.68
C ILE D 49 -30.28 -9.51 4.77
N VAL D 50 -30.17 -8.81 3.64
CA VAL D 50 -29.71 -7.42 3.65
C VAL D 50 -30.75 -6.53 4.30
N LYS D 51 -32.03 -6.75 4.00
CA LYS D 51 -33.07 -5.90 4.53
C LYS D 51 -33.36 -6.17 6.00
N GLN D 52 -32.92 -7.32 6.53
CA GLN D 52 -33.05 -7.61 7.94
C GLN D 52 -31.77 -7.34 8.72
N MET D 53 -31.03 -6.31 8.33
CA MET D 53 -29.77 -5.98 8.99
C MET D 53 -29.64 -4.47 9.16
N ARG D 54 -29.08 -4.06 10.29
CA ARG D 54 -28.94 -2.66 10.64
C ARG D 54 -27.76 -2.45 11.59
N THR D 181 -27.81 0.19 -13.09
CA THR D 181 -26.61 -0.56 -13.50
C THR D 181 -25.53 -0.47 -12.43
N SER D 182 -25.94 -0.41 -11.17
CA SER D 182 -24.99 -0.35 -10.07
C SER D 182 -24.37 -1.72 -9.88
N GLY D 183 -23.10 -1.83 -10.21
CA GLY D 183 -22.41 -3.11 -10.23
C GLY D 183 -22.01 -3.66 -8.89
N ILE D 184 -22.22 -2.93 -7.80
CA ILE D 184 -21.86 -3.39 -6.47
C ILE D 184 -22.73 -2.65 -5.46
N PHE D 185 -23.25 -3.39 -4.49
CA PHE D 185 -24.02 -2.83 -3.40
C PHE D 185 -23.27 -3.06 -2.10
N GLU D 186 -23.25 -2.05 -1.25
CA GLU D 186 -22.48 -2.10 -0.01
C GLU D 186 -23.43 -1.90 1.16
N THR D 187 -23.19 -2.63 2.24
CA THR D 187 -24.03 -2.59 3.43
C THR D 187 -23.15 -2.60 4.67
N LYS D 188 -23.31 -1.60 5.53
CA LYS D 188 -22.56 -1.52 6.77
C LYS D 188 -23.46 -1.83 7.94
N PHE D 189 -22.97 -2.66 8.86
CA PHE D 189 -23.70 -2.94 10.08
C PHE D 189 -22.71 -3.28 11.18
N GLN D 190 -23.02 -2.84 12.39
CA GLN D 190 -22.19 -3.04 13.57
C GLN D 190 -22.84 -4.06 14.49
N VAL D 191 -22.05 -5.04 14.93
CA VAL D 191 -22.50 -6.02 15.91
C VAL D 191 -21.49 -6.00 17.05
N ASP D 192 -21.87 -5.38 18.17
CA ASP D 192 -21.05 -5.22 19.38
C ASP D 192 -19.73 -4.51 19.06
N LYS D 193 -19.87 -3.29 18.52
CA LYS D 193 -18.78 -2.33 18.30
C LYS D 193 -17.72 -2.86 17.34
N VAL D 194 -18.12 -3.66 16.35
CA VAL D 194 -17.23 -4.16 15.31
C VAL D 194 -17.93 -3.92 13.98
N ASN D 195 -17.25 -3.24 13.06
CA ASN D 195 -17.87 -2.82 11.81
C ASN D 195 -17.77 -3.91 10.76
N PHE D 196 -18.87 -4.18 10.06
CA PHE D 196 -18.94 -5.17 9.00
C PHE D 196 -19.36 -4.50 7.71
N HIS D 197 -18.61 -4.73 6.64
CA HIS D 197 -18.89 -4.18 5.33
C HIS D 197 -19.23 -5.31 4.38
N MET D 198 -20.50 -5.54 4.15
CA MET D 198 -20.93 -6.52 3.16
C MET D 198 -20.91 -5.92 1.77
N PHE D 199 -20.67 -6.76 0.78
CA PHE D 199 -20.57 -6.32 -0.60
C PHE D 199 -21.44 -7.24 -1.45
N ASP D 200 -22.72 -6.92 -1.53
CA ASP D 200 -23.66 -7.68 -2.34
C ASP D 200 -23.43 -7.27 -3.78
N VAL D 201 -23.04 -8.23 -4.60
CA VAL D 201 -22.71 -7.96 -5.99
C VAL D 201 -23.99 -8.09 -6.82
N GLY D 202 -24.10 -7.26 -7.85
CA GLY D 202 -25.20 -7.30 -8.78
C GLY D 202 -24.76 -6.61 -10.05
N ALA D 203 -25.65 -6.62 -11.05
CA ALA D 203 -25.45 -5.97 -12.36
C ALA D 203 -24.17 -6.44 -13.04
N GLN D 204 -23.91 -7.74 -12.97
CA GLN D 204 -22.74 -8.34 -13.59
C GLN D 204 -23.16 -9.46 -14.54
N ARG D 205 -22.21 -9.93 -15.30
CA ARG D 205 -22.42 -11.03 -16.23
C ARG D 205 -22.53 -12.35 -15.47
N ASP D 206 -22.86 -13.42 -16.21
CA ASP D 206 -23.01 -14.73 -15.60
C ASP D 206 -21.68 -15.30 -15.14
N GLU D 207 -20.62 -15.10 -15.93
CA GLU D 207 -19.30 -15.62 -15.57
C GLU D 207 -18.67 -14.73 -14.52
N ARG D 208 -18.08 -15.34 -13.49
CA ARG D 208 -17.52 -14.61 -12.38
C ARG D 208 -16.08 -14.99 -12.08
N ARG D 209 -15.40 -15.61 -13.02
CA ARG D 209 -14.03 -16.06 -12.79
C ARG D 209 -13.02 -14.93 -12.87
N LYS D 210 -13.43 -13.70 -13.17
CA LYS D 210 -12.49 -12.60 -13.32
C LYS D 210 -12.63 -11.53 -12.25
N TRP D 211 -13.83 -11.30 -11.72
CA TRP D 211 -13.95 -10.34 -10.63
C TRP D 211 -13.88 -10.98 -9.26
N ILE D 212 -13.77 -12.31 -9.19
CA ILE D 212 -13.59 -12.98 -7.91
C ILE D 212 -12.16 -12.90 -7.42
N GLN D 213 -11.22 -12.51 -8.28
CA GLN D 213 -9.87 -12.23 -7.84
C GLN D 213 -9.81 -10.96 -7.00
N CYS D 214 -10.77 -10.05 -7.20
CA CYS D 214 -10.82 -8.83 -6.42
C CYS D 214 -11.16 -9.06 -4.97
N PHE D 215 -11.84 -10.16 -4.66
CA PHE D 215 -12.33 -10.41 -3.31
C PHE D 215 -11.47 -11.43 -2.57
N ASN D 216 -10.25 -11.66 -3.03
CA ASN D 216 -9.21 -12.18 -2.17
C ASN D 216 -8.93 -11.16 -1.07
N ASP D 217 -8.44 -11.66 0.07
CA ASP D 217 -8.24 -10.88 1.30
C ASP D 217 -9.54 -10.25 1.77
N VAL D 218 -10.59 -11.07 1.86
CA VAL D 218 -11.84 -10.73 2.50
C VAL D 218 -11.95 -11.62 3.73
N THR D 219 -12.76 -11.21 4.71
CA THR D 219 -12.82 -11.99 5.94
C THR D 219 -13.63 -13.26 5.76
N ALA D 220 -14.74 -13.20 5.04
CA ALA D 220 -15.54 -14.39 4.76
C ALA D 220 -16.34 -14.19 3.48
N ILE D 221 -16.98 -15.27 3.05
CA ILE D 221 -17.96 -15.26 1.98
C ILE D 221 -19.27 -15.81 2.54
N ILE D 222 -20.33 -15.01 2.47
CA ILE D 222 -21.63 -15.40 2.98
C ILE D 222 -22.41 -15.98 1.81
N PHE D 223 -22.39 -17.31 1.65
CA PHE D 223 -23.09 -17.98 0.56
C PHE D 223 -24.47 -18.39 1.03
N VAL D 224 -25.50 -17.90 0.36
CA VAL D 224 -26.88 -18.20 0.72
C VAL D 224 -27.46 -19.15 -0.33
N VAL D 225 -28.09 -20.22 0.16
CA VAL D 225 -28.73 -21.24 -0.67
C VAL D 225 -30.20 -21.29 -0.31
N ASP D 226 -31.07 -21.38 -1.32
CA ASP D 226 -32.47 -21.74 -1.11
C ASP D 226 -32.57 -23.25 -0.94
N SER D 227 -33.02 -23.68 0.25
CA SER D 227 -33.09 -25.10 0.55
C SER D 227 -34.34 -25.76 -0.02
N SER D 228 -35.37 -24.99 -0.36
CA SER D 228 -36.65 -25.57 -0.76
C SER D 228 -36.61 -26.14 -2.17
N ASP D 229 -36.13 -25.38 -3.13
CA ASP D 229 -36.17 -25.79 -4.53
C ASP D 229 -35.08 -26.81 -4.76
N TYR D 230 -35.45 -28.10 -4.72
CA TYR D 230 -34.48 -29.17 -4.89
C TYR D 230 -34.00 -29.30 -6.32
N ASN D 231 -34.73 -28.74 -7.28
CA ASN D 231 -34.27 -28.78 -8.66
C ASN D 231 -33.10 -27.85 -8.88
N ARG D 232 -33.11 -26.69 -8.20
CA ARG D 232 -32.03 -25.73 -8.28
C ARG D 232 -31.04 -25.86 -7.12
N LEU D 233 -31.23 -26.86 -6.26
CA LEU D 233 -30.29 -27.09 -5.17
C LEU D 233 -29.03 -27.81 -5.64
N GLN D 234 -29.10 -28.51 -6.76
CA GLN D 234 -27.91 -29.18 -7.29
C GLN D 234 -26.97 -28.19 -7.96
N GLU D 235 -27.51 -27.16 -8.63
CA GLU D 235 -26.65 -26.12 -9.19
C GLU D 235 -26.11 -25.17 -8.12
N ALA D 236 -26.71 -25.18 -6.93
CA ALA D 236 -26.10 -24.49 -5.80
C ALA D 236 -24.90 -25.26 -5.26
N LEU D 237 -24.85 -26.57 -5.53
CA LEU D 237 -23.70 -27.37 -5.13
C LEU D 237 -22.53 -27.18 -6.08
N ASN D 238 -22.80 -27.10 -7.38
CA ASN D 238 -21.72 -26.86 -8.34
C ASN D 238 -21.22 -25.43 -8.27
N ASP D 239 -22.07 -24.51 -7.81
CA ASP D 239 -21.63 -23.13 -7.59
C ASP D 239 -20.76 -23.02 -6.34
N PHE D 240 -21.11 -23.78 -5.30
CA PHE D 240 -20.32 -23.80 -4.09
C PHE D 240 -19.00 -24.53 -4.29
N ASP D 241 -18.98 -25.50 -5.20
CA ASP D 241 -17.76 -26.24 -5.48
C ASP D 241 -16.77 -25.37 -6.27
N SER D 242 -17.29 -24.45 -7.09
CA SER D 242 -16.43 -23.55 -7.86
C SER D 242 -15.81 -22.48 -6.98
N ILE D 243 -16.49 -22.09 -5.91
CA ILE D 243 -15.92 -21.15 -4.96
C ILE D 243 -14.84 -21.82 -4.12
N TRP D 244 -15.15 -23.02 -3.60
CA TRP D 244 -14.27 -23.68 -2.66
C TRP D 244 -12.98 -24.16 -3.30
N ASN D 245 -12.99 -24.41 -4.59
CA ASN D 245 -11.81 -24.86 -5.31
C ASN D 245 -11.16 -23.74 -6.11
N ASN D 246 -11.48 -22.49 -5.79
CA ASN D 246 -10.93 -21.37 -6.54
C ASN D 246 -9.47 -21.13 -6.14
N ARG D 247 -8.65 -20.79 -7.13
CA ARG D 247 -7.24 -20.54 -6.89
C ARG D 247 -7.01 -19.29 -6.05
N TRP D 248 -7.87 -18.29 -6.16
CA TRP D 248 -7.71 -17.05 -5.43
C TRP D 248 -8.55 -17.00 -4.16
N LEU D 249 -9.31 -18.04 -3.86
CA LEU D 249 -10.07 -18.09 -2.62
C LEU D 249 -9.70 -19.33 -1.80
N ARG D 250 -8.41 -19.66 -1.77
CA ARG D 250 -7.95 -20.83 -1.04
C ARG D 250 -7.85 -20.61 0.46
N THR D 251 -7.83 -19.36 0.91
CA THR D 251 -7.65 -19.05 2.32
C THR D 251 -8.89 -18.43 2.95
N ILE D 252 -10.02 -18.43 2.27
CA ILE D 252 -11.19 -17.66 2.67
C ILE D 252 -12.27 -18.62 3.15
N SER D 253 -12.79 -18.35 4.34
CA SER D 253 -13.83 -19.17 4.92
C SER D 253 -15.20 -18.79 4.36
N VAL D 254 -16.11 -19.75 4.34
CA VAL D 254 -17.46 -19.55 3.84
C VAL D 254 -18.43 -19.74 4.99
N ILE D 255 -19.40 -18.85 5.10
CA ILE D 255 -20.47 -18.95 6.08
C ILE D 255 -21.75 -19.24 5.31
N LEU D 256 -22.12 -20.52 5.20
CA LEU D 256 -23.32 -20.91 4.50
C LEU D 256 -24.56 -20.55 5.31
N PHE D 257 -25.53 -19.95 4.62
CA PHE D 257 -26.81 -19.59 5.21
C PHE D 257 -27.86 -20.39 4.44
N LEU D 258 -28.15 -21.59 4.93
CA LEU D 258 -29.22 -22.41 4.37
C LEU D 258 -30.55 -21.75 4.71
N ASN D 259 -31.21 -21.23 3.69
CA ASN D 259 -32.30 -20.28 3.86
C ASN D 259 -33.65 -20.91 3.58
N LYS D 260 -34.69 -20.22 4.06
CA LYS D 260 -36.10 -20.59 3.90
C LYS D 260 -36.38 -21.97 4.48
N GLN D 261 -35.97 -22.16 5.74
CA GLN D 261 -36.28 -23.37 6.46
C GLN D 261 -37.72 -23.43 6.91
N ASP D 262 -38.44 -22.30 6.91
CA ASP D 262 -39.87 -22.34 7.11
C ASP D 262 -40.60 -22.87 5.89
N LEU D 263 -39.94 -22.84 4.73
CA LEU D 263 -40.51 -23.39 3.51
C LEU D 263 -40.01 -24.79 3.21
N LEU D 264 -38.96 -25.27 3.87
CA LEU D 264 -38.52 -26.64 3.68
C LEU D 264 -39.30 -27.60 4.57
N ALA D 265 -39.71 -27.16 5.75
CA ALA D 265 -40.50 -28.01 6.63
C ALA D 265 -41.87 -28.29 6.04
N GLU D 266 -42.49 -27.29 5.41
CA GLU D 266 -43.78 -27.48 4.78
C GLU D 266 -43.70 -28.35 3.54
N LYS D 267 -42.54 -28.43 2.89
CA LYS D 267 -42.35 -29.30 1.75
C LYS D 267 -41.87 -30.70 2.13
N VAL D 268 -41.75 -30.99 3.43
CA VAL D 268 -41.56 -32.36 3.89
C VAL D 268 -42.61 -32.80 4.90
N LEU D 269 -43.34 -31.87 5.52
CA LEU D 269 -44.51 -32.26 6.31
C LEU D 269 -45.67 -32.62 5.40
N ALA D 270 -45.88 -31.85 4.33
CA ALA D 270 -46.91 -32.21 3.35
C ALA D 270 -46.47 -33.40 2.51
N GLY D 271 -45.18 -33.58 2.31
CA GLY D 271 -44.64 -34.79 1.69
C GLY D 271 -44.91 -34.96 0.23
N LYS D 272 -45.33 -33.91 -0.48
CA LYS D 272 -45.64 -34.04 -1.90
C LYS D 272 -44.38 -34.24 -2.72
N SER D 273 -43.44 -33.31 -2.62
CA SER D 273 -42.14 -33.41 -3.29
C SER D 273 -41.13 -33.92 -2.28
N LYS D 274 -40.28 -34.85 -2.69
CA LYS D 274 -39.38 -35.50 -1.75
C LYS D 274 -37.99 -35.64 -2.35
N ILE D 275 -37.00 -35.56 -1.48
CA ILE D 275 -35.60 -35.28 -1.84
C ILE D 275 -34.99 -36.44 -2.60
N GLU D 276 -35.42 -37.68 -2.34
CA GLU D 276 -34.79 -38.83 -2.96
C GLU D 276 -35.18 -39.03 -4.42
N ASP D 277 -36.05 -38.19 -4.97
CA ASP D 277 -36.28 -38.20 -6.41
C ASP D 277 -35.07 -37.67 -7.16
N TYR D 278 -34.39 -36.67 -6.60
CA TYR D 278 -33.28 -36.00 -7.26
C TYR D 278 -31.93 -36.55 -6.83
N PHE D 279 -31.82 -37.02 -5.60
CA PHE D 279 -30.61 -37.65 -5.10
C PHE D 279 -30.86 -39.13 -4.87
N PRO D 280 -30.04 -40.03 -5.41
CA PRO D 280 -30.25 -41.46 -5.17
C PRO D 280 -29.85 -41.92 -3.77
N GLU D 281 -29.07 -41.13 -3.03
CA GLU D 281 -28.52 -41.58 -1.76
C GLU D 281 -29.18 -40.95 -0.54
N PHE D 282 -30.45 -40.55 -0.65
CA PHE D 282 -31.15 -40.06 0.54
C PHE D 282 -31.73 -41.19 1.37
N ALA D 283 -32.17 -42.28 0.72
CA ALA D 283 -32.77 -43.39 1.45
C ALA D 283 -31.76 -44.12 2.32
N ARG D 284 -30.48 -44.08 1.95
CA ARG D 284 -29.41 -44.64 2.77
C ARG D 284 -28.84 -43.64 3.76
N TYR D 285 -29.54 -42.55 4.04
CA TYR D 285 -29.08 -41.56 4.99
C TYR D 285 -29.98 -41.57 6.23
N THR D 286 -29.37 -41.71 7.40
CA THR D 286 -30.06 -41.62 8.66
C THR D 286 -29.43 -40.53 9.53
N THR D 287 -30.24 -39.95 10.40
CA THR D 287 -29.81 -38.87 11.27
C THR D 287 -28.77 -39.40 12.27
N PRO D 288 -27.68 -38.67 12.51
CA PRO D 288 -26.69 -39.11 13.50
C PRO D 288 -27.17 -38.97 14.95
N GLU D 289 -26.27 -39.25 15.89
CA GLU D 289 -26.65 -39.32 17.29
C GLU D 289 -26.95 -37.93 17.86
N ASP D 290 -25.99 -37.01 17.76
CA ASP D 290 -26.16 -35.65 18.25
C ASP D 290 -26.58 -34.76 17.09
N ALA D 291 -27.84 -34.33 17.11
CA ALA D 291 -28.38 -33.55 16.01
C ALA D 291 -29.57 -32.73 16.47
N THR D 292 -29.47 -31.40 16.33
CA THR D 292 -30.55 -30.41 16.34
C THR D 292 -31.47 -30.46 17.55
N PRO D 293 -31.04 -29.97 18.72
CA PRO D 293 -31.97 -29.89 19.86
C PRO D 293 -33.05 -28.84 19.65
N GLU D 294 -34.03 -29.15 18.80
CA GLU D 294 -35.11 -28.25 18.46
C GLU D 294 -36.12 -28.18 19.60
N PRO D 295 -36.87 -27.08 19.72
CA PRO D 295 -37.94 -27.04 20.72
C PRO D 295 -39.07 -28.02 20.42
N GLY D 296 -39.44 -28.17 19.16
CA GLY D 296 -40.35 -29.22 18.76
C GLY D 296 -40.63 -29.17 17.28
N GLU D 297 -40.50 -30.32 16.61
CA GLU D 297 -40.62 -30.40 15.16
C GLU D 297 -40.74 -31.87 14.78
N ASP D 298 -40.78 -32.11 13.49
CA ASP D 298 -40.83 -33.47 12.97
C ASP D 298 -39.43 -34.05 12.83
N PRO D 299 -39.26 -35.36 13.06
CA PRO D 299 -37.97 -35.99 12.81
C PRO D 299 -37.63 -36.18 11.33
N ARG D 300 -38.55 -35.90 10.40
CA ARG D 300 -38.18 -35.90 8.99
C ARG D 300 -37.72 -34.51 8.55
N VAL D 301 -38.11 -33.46 9.26
CA VAL D 301 -37.53 -32.15 9.04
C VAL D 301 -36.06 -32.16 9.43
N THR D 302 -35.74 -32.85 10.54
CA THR D 302 -34.36 -32.94 10.99
C THR D 302 -33.55 -33.87 10.11
N ARG D 303 -34.17 -34.92 9.58
CA ARG D 303 -33.45 -35.87 8.74
C ARG D 303 -33.14 -35.28 7.37
N ALA D 304 -34.06 -34.47 6.84
CA ALA D 304 -33.84 -33.85 5.54
C ALA D 304 -32.86 -32.70 5.62
N LYS D 305 -33.01 -31.84 6.64
CA LYS D 305 -32.17 -30.66 6.73
C LYS D 305 -30.73 -31.00 7.13
N TYR D 306 -30.51 -32.15 7.77
CA TYR D 306 -29.15 -32.62 7.95
C TYR D 306 -28.60 -33.30 6.71
N PHE D 307 -29.44 -33.60 5.73
CA PHE D 307 -28.92 -34.13 4.47
C PHE D 307 -28.48 -33.01 3.54
N ILE D 308 -29.23 -31.90 3.51
CA ILE D 308 -28.83 -30.74 2.72
C ILE D 308 -27.54 -30.15 3.26
N ARG D 309 -27.36 -30.15 4.58
CA ARG D 309 -26.10 -29.72 5.15
C ARG D 309 -24.98 -30.70 4.84
N LYS D 310 -25.31 -31.97 4.61
CA LYS D 310 -24.29 -33.01 4.50
C LYS D 310 -23.52 -32.93 3.19
N GLU D 311 -24.17 -32.57 2.07
CA GLU D 311 -23.44 -32.48 0.81
C GLU D 311 -22.54 -31.25 0.77
N PHE D 312 -22.93 -30.20 1.49
CA PHE D 312 -22.16 -28.96 1.49
C PHE D 312 -20.87 -29.09 2.30
N VAL D 313 -20.94 -29.75 3.45
CA VAL D 313 -19.74 -30.03 4.22
C VAL D 313 -18.87 -31.09 3.53
N ASP D 314 -19.47 -31.94 2.70
CA ASP D 314 -18.71 -32.93 1.94
C ASP D 314 -17.82 -32.28 0.90
N ILE D 315 -18.26 -31.16 0.31
CA ILE D 315 -17.37 -30.42 -0.57
C ILE D 315 -16.34 -29.64 0.24
N SER D 316 -16.70 -29.26 1.47
CA SER D 316 -15.81 -28.49 2.33
C SER D 316 -14.62 -29.31 2.80
N THR D 317 -14.73 -30.64 2.78
CA THR D 317 -13.68 -31.52 3.26
C THR D 317 -12.90 -32.15 2.10
N ALA D 318 -13.61 -32.74 1.14
CA ALA D 318 -12.96 -33.56 0.13
C ALA D 318 -12.19 -32.74 -0.91
N SER D 319 -12.63 -31.52 -1.19
CA SER D 319 -11.99 -30.68 -2.20
C SER D 319 -11.31 -29.47 -1.59
N GLY D 320 -10.69 -29.64 -0.42
CA GLY D 320 -10.06 -28.53 0.26
C GLY D 320 -9.17 -29.02 1.37
N ASP D 321 -8.33 -28.11 1.85
CA ASP D 321 -7.37 -28.41 2.90
C ASP D 321 -7.90 -27.84 4.21
N GLY D 322 -7.07 -27.88 5.26
CA GLY D 322 -7.41 -27.28 6.52
C GLY D 322 -7.05 -25.81 6.61
N ARG D 323 -6.96 -25.13 5.46
CA ARG D 323 -6.68 -23.71 5.43
C ARG D 323 -7.93 -22.88 5.66
N HIS D 324 -9.09 -23.35 5.20
CA HIS D 324 -10.33 -22.60 5.37
C HIS D 324 -11.47 -23.55 5.69
N ILE D 325 -12.38 -23.09 6.54
CA ILE D 325 -13.45 -23.90 7.11
C ILE D 325 -14.79 -23.34 6.66
N CYS D 326 -15.72 -24.23 6.32
CA CYS D 326 -17.10 -23.84 6.09
C CYS D 326 -17.87 -23.82 7.41
N TYR D 327 -18.86 -22.95 7.50
CA TYR D 327 -19.62 -22.71 8.73
C TYR D 327 -21.10 -22.75 8.40
N PRO D 328 -21.73 -23.91 8.46
CA PRO D 328 -23.15 -24.02 8.07
C PRO D 328 -24.10 -23.51 9.14
N HIS D 329 -25.15 -22.85 8.68
CA HIS D 329 -26.19 -22.32 9.55
C HIS D 329 -27.55 -22.58 8.95
N PHE D 330 -28.59 -22.34 9.74
CA PHE D 330 -29.97 -22.55 9.31
C PHE D 330 -30.77 -21.30 9.61
N THR D 331 -31.36 -20.73 8.56
CA THR D 331 -31.87 -19.37 8.58
C THR D 331 -33.29 -19.33 8.03
N CYS D 332 -34.18 -18.60 8.71
CA CYS D 332 -35.54 -18.39 8.26
C CYS D 332 -35.62 -17.10 7.46
N SER D 333 -36.85 -16.69 7.13
CA SER D 333 -37.04 -15.46 6.37
C SER D 333 -36.85 -14.25 7.27
N VAL D 334 -37.69 -14.10 8.28
CA VAL D 334 -37.52 -13.07 9.29
C VAL D 334 -36.77 -13.70 10.46
N ASP D 335 -35.49 -13.33 10.59
CA ASP D 335 -34.61 -13.92 11.59
C ASP D 335 -33.66 -12.83 12.07
N THR D 336 -33.79 -12.45 13.33
CA THR D 336 -33.02 -11.37 13.91
C THR D 336 -31.73 -11.84 14.58
N GLU D 337 -31.24 -13.02 14.20
CA GLU D 337 -30.01 -13.55 14.75
C GLU D 337 -28.93 -13.79 13.71
N ASN D 338 -29.14 -13.34 12.47
CA ASN D 338 -28.12 -13.49 11.44
C ASN D 338 -26.93 -12.60 11.68
N ALA D 339 -27.12 -11.46 12.33
CA ALA D 339 -26.01 -10.57 12.62
C ALA D 339 -25.17 -11.09 13.78
N ARG D 340 -25.76 -11.91 14.64
CA ARG D 340 -25.01 -12.56 15.70
C ARG D 340 -24.29 -13.80 15.21
N ARG D 341 -24.87 -14.50 14.24
CA ARG D 341 -24.22 -15.66 13.65
C ARG D 341 -23.01 -15.28 12.81
N ILE D 342 -23.02 -14.09 12.23
CA ILE D 342 -21.85 -13.63 11.49
C ILE D 342 -20.75 -13.21 12.44
N PHE D 343 -21.12 -12.56 13.55
CA PHE D 343 -20.14 -12.12 14.55
C PHE D 343 -19.46 -13.30 15.22
N ASN D 344 -20.21 -14.36 15.51
CA ASN D 344 -19.62 -15.53 16.16
C ASN D 344 -18.76 -16.32 15.19
N ASP D 345 -19.10 -16.32 13.91
CA ASP D 345 -18.29 -17.05 12.94
C ASP D 345 -17.10 -16.23 12.48
N CYS D 346 -17.22 -14.90 12.46
CA CYS D 346 -16.07 -14.07 12.14
C CYS D 346 -15.16 -13.86 13.33
N LYS D 347 -15.62 -14.13 14.54
CA LYS D 347 -14.71 -14.23 15.67
C LYS D 347 -13.86 -15.48 15.58
N ASP D 348 -14.31 -16.48 14.85
CA ASP D 348 -13.57 -17.73 14.70
C ASP D 348 -12.58 -17.67 13.55
N ILE D 349 -12.90 -16.96 12.47
CA ILE D 349 -11.97 -16.89 11.34
C ILE D 349 -10.78 -16.01 11.69
N ILE D 350 -10.99 -14.96 12.48
CA ILE D 350 -9.86 -14.15 12.93
C ILE D 350 -9.01 -14.92 13.94
N LEU D 351 -9.62 -15.83 14.68
CA LEU D 351 -8.88 -16.63 15.64
C LEU D 351 -7.95 -17.63 14.96
N GLN D 352 -8.35 -18.16 13.80
CA GLN D 352 -7.44 -19.03 13.06
C GLN D 352 -6.52 -18.27 12.12
N MET D 353 -6.76 -16.98 11.89
CA MET D 353 -5.72 -16.19 11.24
C MET D 353 -4.61 -15.82 12.21
N ASN D 354 -4.93 -15.74 13.49
CA ASN D 354 -3.93 -15.44 14.51
C ASN D 354 -3.17 -16.67 14.93
N LEU D 355 -3.81 -17.83 14.95
CA LEU D 355 -3.14 -19.06 15.36
C LEU D 355 -2.11 -19.54 14.34
N ARG D 356 -2.20 -19.07 13.10
CA ARG D 356 -1.18 -19.38 12.11
C ARG D 356 -0.14 -18.27 11.99
N GLU D 357 -0.53 -17.03 12.25
CA GLU D 357 0.44 -15.94 12.19
C GLU D 357 1.37 -15.96 13.40
N TYR D 358 0.86 -16.42 14.54
CA TYR D 358 1.67 -16.63 15.73
C TYR D 358 2.23 -18.04 15.81
N ASN D 359 2.04 -18.83 14.75
CA ASN D 359 2.60 -20.18 14.57
C ASN D 359 2.16 -21.15 15.67
N LEU D 360 1.00 -20.91 16.27
CA LEU D 360 0.49 -21.76 17.34
C LEU D 360 -0.44 -22.84 16.80
N VAL D 361 -0.02 -23.52 15.75
CA VAL D 361 -0.86 -24.54 15.13
C VAL D 361 -0.08 -25.84 14.97
N ALA E 10 -30.35 -13.69 -37.52
CA ALA E 10 -30.04 -12.30 -37.19
C ALA E 10 -28.67 -12.21 -36.55
N GLN E 11 -28.44 -13.05 -35.54
CA GLN E 11 -27.13 -13.16 -34.92
C GLN E 11 -26.15 -13.97 -35.74
N ALA E 12 -26.61 -14.65 -36.79
CA ALA E 12 -25.73 -15.38 -37.68
C ALA E 12 -25.43 -14.59 -38.95
N ARG E 13 -26.34 -13.72 -39.39
CA ARG E 13 -26.06 -12.85 -40.52
C ARG E 13 -25.13 -11.71 -40.12
N LYS E 14 -24.97 -11.45 -38.83
CA LYS E 14 -24.00 -10.47 -38.36
C LYS E 14 -22.59 -11.05 -38.36
N LEU E 15 -22.43 -12.30 -37.95
CA LEU E 15 -21.11 -12.91 -37.92
C LEU E 15 -20.62 -13.25 -39.32
N VAL E 16 -21.52 -13.50 -40.25
CA VAL E 16 -21.12 -13.76 -41.62
C VAL E 16 -20.71 -12.47 -42.31
N GLU E 17 -21.48 -11.39 -42.12
CA GLU E 17 -21.15 -10.09 -42.69
C GLU E 17 -19.88 -9.52 -42.08
N GLN E 18 -19.61 -9.83 -40.81
CA GLN E 18 -18.35 -9.41 -40.20
C GLN E 18 -17.17 -10.17 -40.80
N LEU E 19 -17.33 -11.47 -41.02
CA LEU E 19 -16.21 -12.27 -41.54
C LEU E 19 -15.96 -12.04 -43.02
N LYS E 20 -16.89 -11.43 -43.74
CA LYS E 20 -16.58 -10.97 -45.09
C LYS E 20 -15.83 -9.64 -45.07
N MET E 21 -16.05 -8.82 -44.04
CA MET E 21 -15.26 -7.62 -43.87
C MET E 21 -13.83 -7.95 -43.50
N GLU E 22 -13.60 -9.07 -42.83
CA GLU E 22 -12.25 -9.50 -42.49
C GLU E 22 -11.63 -10.38 -43.56
N ALA E 23 -12.38 -10.74 -44.60
CA ALA E 23 -11.84 -11.65 -45.61
C ALA E 23 -11.06 -10.92 -46.69
N ASN E 24 -11.44 -9.69 -47.03
CA ASN E 24 -10.83 -8.95 -48.11
C ASN E 24 -9.84 -7.89 -47.62
N ILE E 25 -9.22 -8.13 -46.47
CA ILE E 25 -8.15 -7.27 -46.00
C ILE E 25 -6.90 -7.54 -46.83
N ASP E 26 -6.20 -6.46 -47.22
CA ASP E 26 -4.97 -6.59 -47.97
C ASP E 26 -3.88 -7.22 -47.11
N ARG E 27 -3.23 -8.25 -47.65
CA ARG E 27 -2.28 -9.07 -46.92
C ARG E 27 -0.85 -8.78 -47.36
N ILE E 28 0.05 -8.75 -46.39
CA ILE E 28 1.46 -8.57 -46.65
C ILE E 28 2.18 -9.81 -46.12
N LYS E 29 3.35 -10.08 -46.69
CA LYS E 29 4.12 -11.24 -46.25
C LYS E 29 4.73 -10.98 -44.88
N VAL E 30 4.98 -12.07 -44.15
CA VAL E 30 5.61 -11.91 -42.84
C VAL E 30 7.11 -11.70 -42.96
N SER E 31 7.68 -11.93 -44.16
CA SER E 31 9.06 -11.55 -44.38
C SER E 31 9.22 -10.05 -44.47
N LYS E 32 8.26 -9.36 -45.08
CA LYS E 32 8.30 -7.90 -45.13
C LYS E 32 7.65 -7.28 -43.89
N ALA E 33 6.93 -8.08 -43.10
CA ALA E 33 6.38 -7.58 -41.85
C ALA E 33 7.32 -7.76 -40.67
N ALA E 34 8.25 -8.72 -40.74
CA ALA E 34 9.27 -8.87 -39.70
C ALA E 34 10.45 -7.94 -39.93
N ALA E 35 10.75 -7.63 -41.19
CA ALA E 35 11.79 -6.66 -41.49
C ALA E 35 11.38 -5.23 -41.12
N ASP E 36 10.09 -4.97 -41.01
CA ASP E 36 9.62 -3.68 -40.50
C ASP E 36 9.54 -3.64 -38.98
N LEU E 37 9.79 -4.76 -38.31
CA LEU E 37 10.02 -4.75 -36.87
C LEU E 37 11.50 -4.77 -36.54
N MET E 38 12.33 -5.32 -37.43
CA MET E 38 13.77 -5.23 -37.27
C MET E 38 14.28 -3.83 -37.52
N ALA E 39 13.74 -3.15 -38.54
CA ALA E 39 14.26 -1.86 -38.92
C ALA E 39 13.87 -0.76 -37.94
N TYR E 40 12.77 -0.95 -37.20
CA TYR E 40 12.41 0.04 -36.19
C TYR E 40 13.24 -0.13 -34.93
N CYS E 41 13.52 -1.37 -34.54
CA CYS E 41 14.31 -1.61 -33.34
C CYS E 41 15.78 -1.32 -33.57
N GLU E 42 16.25 -1.45 -34.81
CA GLU E 42 17.63 -1.11 -35.12
C GLU E 42 17.82 0.39 -35.21
N ALA E 43 16.83 1.10 -35.74
CA ALA E 43 16.95 2.55 -35.88
C ALA E 43 16.81 3.25 -34.53
N HIS E 44 15.85 2.84 -33.71
CA HIS E 44 15.59 3.48 -32.44
C HIS E 44 16.34 2.83 -31.28
N ALA E 45 17.47 2.18 -31.55
CA ALA E 45 18.16 1.42 -30.52
C ALA E 45 18.90 2.31 -29.53
N LYS E 46 19.53 3.37 -30.02
CA LYS E 46 20.33 4.23 -29.17
C LYS E 46 19.50 5.20 -28.35
N GLU E 47 18.23 5.37 -28.67
CA GLU E 47 17.32 6.22 -27.91
C GLU E 47 16.48 5.43 -26.91
N ASP E 48 16.93 4.24 -26.54
CA ASP E 48 16.22 3.40 -25.58
C ASP E 48 17.07 3.23 -24.34
N PRO E 49 16.69 3.83 -23.21
CA PRO E 49 17.52 3.69 -22.00
C PRO E 49 17.47 2.32 -21.35
N LEU E 50 16.53 1.45 -21.71
CA LEU E 50 16.49 0.13 -21.10
C LEU E 50 17.46 -0.84 -21.74
N LEU E 51 17.59 -0.78 -23.07
CA LEU E 51 18.64 -1.55 -23.75
C LEU E 51 20.01 -0.99 -23.41
N THR E 52 20.25 0.25 -23.81
CA THR E 52 21.51 0.92 -23.58
C THR E 52 21.36 1.86 -22.40
N PRO E 53 21.98 1.56 -21.26
CA PRO E 53 21.77 2.41 -20.09
C PRO E 53 22.49 3.74 -20.22
N VAL E 54 21.86 4.78 -19.66
CA VAL E 54 22.40 6.13 -19.66
C VAL E 54 23.38 6.24 -18.50
N PRO E 55 24.34 7.17 -18.54
CA PRO E 55 25.20 7.39 -17.38
C PRO E 55 24.43 7.98 -16.21
N ALA E 56 25.06 7.94 -15.03
CA ALA E 56 24.37 8.32 -13.81
C ALA E 56 24.13 9.82 -13.72
N SER E 57 24.81 10.62 -14.54
CA SER E 57 24.48 12.05 -14.60
C SER E 57 23.21 12.28 -15.38
N GLU E 58 22.96 11.48 -16.41
CA GLU E 58 21.79 11.64 -17.25
C GLU E 58 20.55 10.95 -16.72
N ASN E 59 20.65 10.25 -15.61
CA ASN E 59 19.52 9.49 -15.10
C ASN E 59 18.89 10.21 -13.92
N PRO E 60 17.58 10.45 -13.92
CA PRO E 60 16.95 11.20 -12.83
C PRO E 60 16.59 10.37 -11.61
N PHE E 61 17.11 9.15 -11.49
CA PHE E 61 16.89 8.34 -10.29
C PHE E 61 18.18 8.05 -9.53
N ARG E 62 19.33 8.37 -10.11
CA ARG E 62 20.61 8.24 -9.42
C ARG E 62 21.42 9.53 -9.58
N HIS F 1 39.13 -11.23 49.87
CA HIS F 1 39.72 -9.97 50.30
C HIS F 1 40.97 -10.20 51.15
N LYS F 2 40.81 -10.85 52.30
CA LYS F 2 41.97 -11.20 53.12
C LYS F 2 42.27 -12.70 53.08
N THR F 3 41.31 -13.53 53.49
CA THR F 3 41.53 -14.98 53.54
C THR F 3 40.71 -15.74 52.50
N ASP F 4 39.38 -15.59 52.51
CA ASP F 4 38.51 -16.24 51.53
C ASP F 4 37.38 -15.29 51.17
N SER F 5 36.66 -15.65 50.11
CA SER F 5 35.40 -15.04 49.69
C SER F 5 34.81 -15.90 48.58
N PHE F 6 33.64 -15.47 48.11
CA PHE F 6 33.10 -15.92 46.82
C PHE F 6 32.13 -14.83 46.37
N VAL F 7 32.43 -14.21 45.24
CA VAL F 7 31.51 -13.28 44.61
C VAL F 7 31.25 -13.83 43.22
N GLY F 8 30.08 -14.41 43.02
CA GLY F 8 29.63 -14.81 41.71
C GLY F 8 28.50 -13.91 41.27
N LEU F 9 28.74 -13.06 40.27
CA LEU F 9 27.82 -12.00 39.94
C LEU F 9 26.78 -12.45 38.93
N MET F 10 25.72 -11.65 38.82
CA MET F 10 24.55 -11.95 38.00
C MET F 10 24.90 -12.01 36.52
N ALA F 11 25.78 -11.11 36.08
#